data_2VXU
#
_entry.id   2VXU
#
_cell.length_a   79.061
_cell.length_b   92.490
_cell.length_c   137.645
_cell.angle_alpha   90.00
_cell.angle_beta   90.00
_cell.angle_gamma   90.00
#
_symmetry.space_group_name_H-M   'P 21 21 21'
#
loop_
_entity.id
_entity.type
_entity.pdbx_description
1 polymer 'MURINE IGG 125-2H'
2 polymer 'MURINE IGG 125-2H'
3 water water
#
loop_
_entity_poly.entity_id
_entity_poly.type
_entity_poly.pdbx_seq_one_letter_code
_entity_poly.pdbx_strand_id
1 'polypeptide(L)'
;EIQLQQSGPELVKPGASVKVSCKASGYSFTDYFIYWVKQSHGKSLEWIGDIDPYNGDTSYNQKFRDKATLTVDQSSTTAF
MHLNSLTSEDSAVYFCARGLRFWGQGTLVTVSAAKTTPPSVYPLAPGSAAQTNSMVTLGCLVKGYFPEPVTVTWNSGSLS
SGVHTFPAVLQSDLYTLSSSVTVPSSTWPSETVTCNVAHPASSTKVDKKIVPRDCG
;
H,I
2 'polypeptide(L)'
;DIQMTQSPSSLSASLGERVSLTCRASQDIGSKLYWLQQEPDGTFKRLIYATSSLDSGVPKRFSGSRSGSDYSLTISSLES
EDFVDYYCLQYASSPYTFGGGTKLAIKRADAAPTVSIFPPSSEQLTSGGASVVCFLNNFYPKDINVKWKIDGSERQNGVL
NSWTDQDSKDSTYSMSSTLTLTKDEYERHNSYTCEATHKTSTSPIVKSFNRNEC
;
L,M
#
# COMPACT_ATOMS: atom_id res chain seq x y z
N GLU A 1 41.08 7.46 -19.05
CA GLU A 1 39.68 6.94 -19.12
C GLU A 1 38.71 7.92 -18.45
N ILE A 2 37.44 7.86 -18.83
CA ILE A 2 36.40 8.70 -18.25
C ILE A 2 36.00 8.14 -16.89
N GLN A 3 36.01 9.00 -15.89
CA GLN A 3 35.60 8.63 -14.55
C GLN A 3 34.67 9.66 -13.97
N LEU A 4 33.70 9.18 -13.21
CA LEU A 4 32.81 10.03 -12.43
C LEU A 4 32.87 9.51 -11.00
N GLN A 5 33.44 10.30 -10.11
CA GLN A 5 33.71 9.84 -8.75
C GLN A 5 32.82 10.56 -7.77
N GLN A 6 31.93 9.80 -7.13
CA GLN A 6 30.95 10.37 -6.22
C GLN A 6 31.43 10.32 -4.78
N SER A 7 30.89 11.23 -3.95
CA SER A 7 31.22 11.30 -2.52
C SER A 7 30.59 10.12 -1.76
N GLY A 8 31.01 9.92 -0.51
CA GLY A 8 30.61 8.78 0.30
C GLY A 8 29.18 8.80 0.83
N PRO A 9 28.76 7.71 1.53
CA PRO A 9 27.39 7.53 2.01
C PRO A 9 26.96 8.65 2.97
N GLU A 10 25.68 9.00 2.96
CA GLU A 10 25.17 10.01 3.87
C GLU A 10 24.16 9.35 4.79
N LEU A 11 24.18 9.74 6.06
CA LEU A 11 23.22 9.23 7.03
C LEU A 11 22.75 10.43 7.84
N VAL A 12 21.50 10.83 7.57
CA VAL A 12 20.98 12.06 8.14
C VAL A 12 19.58 11.85 8.71
N LYS A 13 19.13 12.83 9.50
CA LYS A 13 17.80 12.80 10.14
C LYS A 13 16.79 13.45 9.19
N PRO A 14 15.47 13.16 9.36
CA PRO A 14 14.47 13.88 8.56
C PRO A 14 14.56 15.41 8.72
N GLY A 15 14.30 16.15 7.64
CA GLY A 15 14.34 17.61 7.69
C GLY A 15 15.72 18.18 7.40
N ALA A 16 16.75 17.35 7.53
CA ALA A 16 18.11 17.72 7.14
C ALA A 16 18.23 17.84 5.62
N SER A 17 19.37 18.39 5.19
CA SER A 17 19.73 18.50 3.80
C SER A 17 21.02 17.73 3.57
N VAL A 18 21.32 17.44 2.31
CA VAL A 18 22.49 16.69 1.94
C VAL A 18 23.03 17.25 0.62
N LYS A 19 24.34 17.19 0.42
CA LYS A 19 24.96 17.65 -0.82
C LYS A 19 26.01 16.66 -1.33
N VAL A 20 25.67 15.99 -2.43
CA VAL A 20 26.47 14.93 -3.02
C VAL A 20 27.31 15.49 -4.17
N SER A 21 28.59 15.17 -4.17
CA SER A 21 29.50 15.69 -5.19
C SER A 21 29.77 14.62 -6.25
N CYS A 22 30.11 15.05 -7.45
CA CYS A 22 30.43 14.15 -8.53
C CYS A 22 31.59 14.70 -9.33
N LYS A 23 32.78 14.18 -9.05
CA LYS A 23 34.03 14.62 -9.68
C LYS A 23 34.24 13.90 -11.02
N ALA A 24 34.34 14.69 -12.08
CA ALA A 24 34.43 14.23 -13.46
C ALA A 24 35.85 14.37 -13.98
N SER A 25 36.34 13.36 -14.69
CA SER A 25 37.67 13.42 -15.26
C SER A 25 37.80 12.59 -16.53
N GLY A 26 38.70 13.04 -17.42
CA GLY A 26 39.09 12.29 -18.61
C GLY A 26 38.38 12.74 -19.85
N TYR A 27 37.68 13.86 -19.75
CA TYR A 27 37.07 14.55 -20.88
C TYR A 27 36.83 15.99 -20.46
N SER A 28 36.56 16.84 -21.47
CA SER A 28 36.24 18.24 -21.29
C SER A 28 34.90 18.52 -20.64
N PHE A 29 34.96 18.72 -19.29
CA PHE A 29 33.84 18.86 -18.35
C PHE A 29 32.60 19.68 -18.77
N THR A 30 32.87 20.75 -19.53
CA THR A 30 31.78 21.67 -19.87
C THR A 30 31.02 21.26 -21.16
N ASP A 31 31.47 20.14 -21.76
CA ASP A 31 30.99 19.89 -23.14
C ASP A 31 29.83 18.94 -23.16
N TYR A 32 29.60 18.39 -21.99
CA TYR A 32 28.63 17.34 -21.80
C TYR A 32 27.78 17.69 -20.60
N PHE A 33 26.49 17.37 -20.71
CA PHE A 33 25.52 17.57 -19.66
C PHE A 33 25.72 16.50 -18.60
N ILE A 34 25.60 16.89 -17.33
CA ILE A 34 25.62 15.92 -16.23
C ILE A 34 24.18 15.60 -15.83
N TYR A 35 23.87 14.30 -15.78
CA TYR A 35 22.56 13.79 -15.36
C TYR A 35 22.58 13.19 -13.97
N TRP A 36 21.46 13.29 -13.26
CA TRP A 36 21.34 12.68 -11.93
C TRP A 36 20.16 11.72 -11.93
N VAL A 37 20.35 10.62 -11.23
CA VAL A 37 19.45 9.46 -11.28
C VAL A 37 19.31 8.90 -9.86
N LYS A 38 18.05 8.60 -9.51
CA LYS A 38 17.67 7.96 -8.25
C LYS A 38 17.36 6.48 -8.44
N GLN A 39 17.99 5.62 -7.66
CA GLN A 39 17.62 4.21 -7.62
C GLN A 39 17.07 3.85 -6.25
N SER A 40 15.78 3.53 -6.23
CA SER A 40 15.11 3.10 -4.99
C SER A 40 15.22 1.58 -4.83
N HIS A 41 15.05 1.07 -3.61
N HIS A 41 15.05 1.14 -3.59
CA HIS A 41 14.93 -0.37 -3.37
CA HIS A 41 15.13 -0.27 -3.14
C HIS A 41 16.11 -1.23 -3.86
C HIS A 41 16.03 -1.18 -3.98
N GLY A 42 17.13 -0.60 -4.45
CA GLY A 42 18.17 -1.34 -5.17
C GLY A 42 17.86 -1.69 -6.62
N LYS A 43 16.64 -1.36 -7.09
CA LYS A 43 16.28 -1.53 -8.52
C LYS A 43 15.63 -0.34 -9.29
N SER A 44 14.49 0.20 -8.82
CA SER A 44 13.73 1.19 -9.63
C SER A 44 14.39 2.57 -9.84
N LEU A 45 14.44 2.99 -11.09
CA LEU A 45 15.22 4.15 -11.53
C LEU A 45 14.40 5.37 -11.98
N GLU A 46 14.83 6.55 -11.56
CA GLU A 46 14.16 7.81 -11.92
C GLU A 46 15.17 8.89 -12.25
N TRP A 47 14.98 9.55 -13.40
CA TRP A 47 15.79 10.72 -13.77
C TRP A 47 15.42 11.87 -12.84
N ILE A 48 16.40 12.49 -12.21
CA ILE A 48 16.13 13.61 -11.31
C ILE A 48 16.18 14.93 -12.04
N GLY A 49 17.29 15.17 -12.72
CA GLY A 49 17.51 16.39 -13.48
C GLY A 49 18.83 16.28 -14.22
N ASP A 50 19.18 17.32 -14.95
CA ASP A 50 20.49 17.41 -15.57
C ASP A 50 20.96 18.85 -15.53
N ILE A 51 22.25 19.04 -15.77
CA ILE A 51 22.86 20.36 -15.73
C ILE A 51 23.87 20.53 -16.86
N ASP A 52 23.81 21.71 -17.47
CA ASP A 52 24.77 22.19 -18.44
C ASP A 52 25.85 22.91 -17.63
N PRO A 53 27.14 22.39 -17.73
CA PRO A 53 28.26 22.95 -16.99
C PRO A 53 28.86 24.19 -17.70
N TYR A 54 28.54 24.42 -18.99
CA TYR A 54 29.13 25.55 -19.70
C TYR A 54 28.52 26.86 -19.25
N ASN A 55 27.28 26.89 -18.82
CA ASN A 55 26.49 28.06 -18.53
C ASN A 55 25.74 28.09 -17.00
N GLY A 56 25.44 26.93 -16.54
CA GLY A 56 24.76 26.70 -15.13
C GLY A 56 23.31 26.24 -15.43
N ASP A 57 22.82 26.21 -16.66
CA ASP A 57 21.46 25.82 -17.11
C ASP A 57 21.10 24.45 -16.49
N THR A 58 19.90 24.36 -15.89
CA THR A 58 19.41 23.13 -15.28
C THR A 58 18.03 22.73 -15.82
N SER A 59 17.74 21.44 -15.68
CA SER A 59 16.44 20.88 -16.05
C SER A 59 16.07 19.79 -15.09
N TYR A 60 14.81 19.78 -14.66
CA TYR A 60 14.39 18.91 -13.57
C TYR A 60 13.18 18.07 -13.91
N ASN A 61 13.15 16.87 -13.35
CA ASN A 61 11.92 16.12 -13.25
C ASN A 61 11.04 16.94 -12.34
N GLN A 62 9.81 17.21 -12.78
CA GLN A 62 8.86 17.97 -11.99
C GLN A 62 8.65 17.32 -10.63
N LYS A 63 8.84 15.99 -10.59
CA LYS A 63 8.74 15.25 -9.34
C LYS A 63 9.79 15.66 -8.31
N PHE A 64 10.89 16.25 -8.78
CA PHE A 64 12.06 16.57 -7.95
C PHE A 64 12.43 18.07 -7.87
N ARG A 65 11.68 18.96 -8.52
CA ARG A 65 12.02 20.39 -8.55
C ARG A 65 12.15 21.08 -7.19
N ASP A 66 11.34 20.68 -6.22
CA ASP A 66 11.37 21.30 -4.90
C ASP A 66 12.24 20.48 -3.95
N LYS A 67 12.87 19.44 -4.49
CA LYS A 67 13.68 18.53 -3.69
C LYS A 67 15.15 18.70 -4.02
N ALA A 68 15.47 18.64 -5.30
CA ALA A 68 16.86 18.70 -5.75
C ALA A 68 17.22 20.05 -6.35
N THR A 69 18.48 20.44 -6.14
CA THR A 69 19.07 21.63 -6.74
C THR A 69 20.42 21.17 -7.25
N LEU A 70 20.65 21.34 -8.55
CA LEU A 70 21.90 20.88 -9.15
C LEU A 70 22.83 22.05 -9.42
N THR A 71 24.10 21.91 -9.08
CA THR A 71 25.11 22.94 -9.37
C THR A 71 26.38 22.28 -9.90
N VAL A 72 27.31 23.10 -10.39
CA VAL A 72 28.65 22.64 -10.79
C VAL A 72 29.73 23.56 -10.19
N ASP A 73 30.99 23.08 -10.30
CA ASP A 73 32.15 23.93 -10.07
C ASP A 73 33.14 23.70 -11.25
N GLN A 74 33.18 24.65 -12.21
CA GLN A 74 34.02 24.51 -13.44
C GLN A 74 35.50 24.16 -13.18
N SER A 75 36.05 24.75 -11.94
CA SER A 75 37.47 24.54 -11.61
C SER A 75 37.74 23.10 -11.20
N SER A 76 36.84 22.79 -9.89
CA SER A 76 37.07 21.37 -9.50
C SER A 76 36.55 20.34 -10.57
N THR A 77 35.98 20.85 -11.69
CA THR A 77 35.24 19.96 -12.63
C THR A 77 34.34 18.97 -11.87
N THR A 78 33.48 19.51 -11.00
CA THR A 78 32.63 18.73 -10.10
C THR A 78 31.18 19.20 -10.20
N ALA A 79 30.25 18.26 -10.29
CA ALA A 79 28.80 18.54 -10.23
C ALA A 79 28.24 18.18 -8.85
N PHE A 80 27.24 18.91 -8.40
CA PHE A 80 26.69 18.67 -7.08
C PHE A 80 25.20 18.46 -7.13
N MET A 81 24.72 17.56 -6.27
CA MET A 81 23.28 17.42 -6.06
C MET A 81 22.99 17.64 -4.59
N HIS A 82 22.32 18.75 -4.35
CA HIS A 82 21.84 19.15 -3.04
C HIS A 82 20.38 18.72 -2.92
N LEU A 83 20.07 17.98 -1.86
CA LEU A 83 18.71 17.51 -1.59
C LEU A 83 18.21 18.09 -0.27
N ASN A 84 17.06 18.78 -0.29
CA ASN A 84 16.49 19.40 0.90
C ASN A 84 15.29 18.68 1.52
N SER A 85 14.97 19.02 2.76
CA SER A 85 13.72 18.61 3.43
C SER A 85 13.56 17.08 3.44
N LEU A 86 14.64 16.41 3.84
CA LEU A 86 14.79 14.98 3.66
C LEU A 86 13.79 14.21 4.48
N THR A 87 13.19 13.20 3.83
CA THR A 87 12.26 12.25 4.43
C THR A 87 12.76 10.84 4.12
N SER A 88 12.19 9.85 4.80
CA SER A 88 12.41 8.43 4.51
C SER A 88 12.33 8.06 3.03
N GLU A 89 11.48 8.76 2.29
CA GLU A 89 11.23 8.47 0.88
C GLU A 89 12.44 8.83 0.03
N ASP A 90 13.35 9.58 0.62
CA ASP A 90 14.55 10.06 -0.06
C ASP A 90 15.72 9.12 0.07
N SER A 91 15.61 8.17 0.98
CA SER A 91 16.62 7.14 1.16
C SER A 91 16.77 6.37 -0.14
N ALA A 92 17.98 6.30 -0.66
CA ALA A 92 18.21 5.64 -1.95
C ALA A 92 19.66 5.78 -2.33
N VAL A 93 19.99 5.23 -3.49
CA VAL A 93 21.29 5.43 -4.11
C VAL A 93 21.10 6.44 -5.26
N TYR A 94 21.88 7.50 -5.24
CA TYR A 94 21.81 8.51 -6.28
C TYR A 94 23.03 8.43 -7.16
N PHE A 95 22.81 8.45 -8.47
CA PHE A 95 23.89 8.36 -9.45
C PHE A 95 24.03 9.66 -10.22
N CYS A 96 25.26 10.10 -10.46
CA CYS A 96 25.52 11.05 -11.54
C CYS A 96 26.01 10.29 -12.79
N ALA A 97 25.93 10.94 -13.95
CA ALA A 97 26.30 10.33 -15.21
C ALA A 97 26.63 11.39 -16.23
N ARG A 98 27.62 11.14 -17.10
CA ARG A 98 27.81 11.96 -18.30
C ARG A 98 26.80 11.47 -19.34
N GLY A 99 25.84 12.33 -19.66
N GLY A 99 25.78 12.27 -19.63
CA GLY A 99 24.67 11.93 -20.46
CA GLY A 99 24.76 11.92 -20.63
C GLY A 99 23.97 10.87 -19.62
C GLY A 99 24.00 10.62 -20.45
N LEU A 100 23.52 9.80 -20.27
N LEU A 100 24.10 10.02 -19.26
CA LEU A 100 23.13 8.62 -19.53
CA LEU A 100 23.44 8.73 -18.97
C LEU A 100 24.01 7.50 -20.04
C LEU A 100 24.13 7.53 -19.64
N ARG A 101 25.28 7.82 -20.24
CA ARG A 101 26.19 6.86 -20.85
C ARG A 101 27.28 6.36 -19.92
N PHE A 102 28.00 7.28 -19.26
CA PHE A 102 29.08 6.91 -18.33
C PHE A 102 28.65 7.28 -16.93
N TRP A 103 28.80 6.34 -16.01
CA TRP A 103 28.16 6.43 -14.70
C TRP A 103 29.10 6.51 -13.52
N GLY A 104 28.78 7.39 -12.58
CA GLY A 104 29.41 7.35 -11.26
C GLY A 104 29.03 6.06 -10.53
N GLN A 105 29.70 5.80 -9.43
CA GLN A 105 29.51 4.55 -8.67
C GLN A 105 28.30 4.59 -7.76
N GLY A 106 27.66 5.75 -7.60
CA GLY A 106 26.51 5.89 -6.70
C GLY A 106 26.84 6.32 -5.28
N THR A 107 25.88 7.00 -4.67
CA THR A 107 26.00 7.45 -3.28
C THR A 107 24.76 7.03 -2.51
N LEU A 108 24.96 6.24 -1.48
CA LEU A 108 23.85 5.83 -0.64
C LEU A 108 23.46 6.98 0.28
N VAL A 109 22.17 7.33 0.26
CA VAL A 109 21.62 8.28 1.19
C VAL A 109 20.55 7.54 1.97
N THR A 110 20.66 7.59 3.30
CA THR A 110 19.74 7.00 4.24
C THR A 110 19.23 8.11 5.15
N VAL A 111 17.91 8.25 5.25
CA VAL A 111 17.27 9.21 6.12
C VAL A 111 16.54 8.48 7.23
N SER A 112 16.85 8.80 8.48
CA SER A 112 16.22 8.15 9.62
C SER A 112 16.32 8.95 10.90
N ALA A 113 15.34 8.77 11.77
CA ALA A 113 15.30 9.49 13.04
C ALA A 113 16.03 8.70 14.11
N ALA A 114 16.38 7.45 13.81
CA ALA A 114 16.98 6.55 14.81
C ALA A 114 18.36 6.96 15.28
N LYS A 115 18.62 6.64 16.54
CA LYS A 115 19.94 6.79 17.17
C LYS A 115 20.73 5.49 16.98
N THR A 116 22.05 5.61 16.92
CA THR A 116 22.97 4.46 16.88
C THR A 116 22.67 3.50 18.03
N THR A 117 22.48 2.23 17.68
CA THR A 117 22.07 1.22 18.64
C THR A 117 22.73 -0.09 18.28
N PRO A 118 23.60 -0.63 19.17
CA PRO A 118 24.20 -1.91 18.84
C PRO A 118 23.16 -3.03 18.99
N PRO A 119 23.35 -4.16 18.31
CA PRO A 119 22.31 -5.21 18.38
C PRO A 119 22.32 -6.04 19.65
N SER A 120 21.16 -6.60 19.96
CA SER A 120 21.06 -7.76 20.86
C SER A 120 21.27 -9.02 20.01
N VAL A 121 22.08 -9.94 20.51
CA VAL A 121 22.40 -11.16 19.78
C VAL A 121 21.87 -12.35 20.61
N TYR A 122 20.99 -13.12 20.00
CA TYR A 122 20.42 -14.25 20.68
C TYR A 122 20.78 -15.53 19.94
N PRO A 123 21.15 -16.58 20.68
CA PRO A 123 21.46 -17.90 20.13
C PRO A 123 20.20 -18.67 19.75
N LEU A 124 20.30 -19.42 18.66
CA LEU A 124 19.19 -20.20 18.13
C LEU A 124 19.64 -21.65 18.12
N ALA A 125 19.19 -22.39 19.12
CA ALA A 125 19.53 -23.80 19.30
C ALA A 125 18.26 -24.58 19.02
N PRO A 126 18.39 -25.77 18.41
CA PRO A 126 17.20 -26.59 18.21
C PRO A 126 16.56 -26.98 19.54
N GLY A 127 15.23 -27.04 19.55
CA GLY A 127 14.48 -27.40 20.75
C GLY A 127 14.39 -28.90 20.98
N SER A 128 14.87 -29.69 20.02
CA SER A 128 14.82 -31.14 20.11
C SER A 128 16.09 -31.77 19.54
N ALA A 129 16.20 -33.10 19.71
CA ALA A 129 17.35 -33.88 19.29
C ALA A 129 17.31 -34.31 17.80
N ALA A 130 16.21 -33.99 17.12
CA ALA A 130 15.97 -34.40 15.74
C ALA A 130 17.10 -33.94 14.82
N GLN A 131 17.59 -34.89 14.02
CA GLN A 131 18.57 -34.66 12.96
C GLN A 131 17.88 -34.82 11.60
N THR A 132 18.44 -34.21 10.56
CA THR A 132 18.04 -34.51 9.20
C THR A 132 19.32 -34.74 8.39
N ASN A 133 19.47 -35.98 7.91
CA ASN A 133 20.68 -36.44 7.21
C ASN A 133 21.98 -36.08 7.93
N SER A 134 22.02 -36.36 9.24
CA SER A 134 23.15 -36.08 10.12
C SER A 134 23.66 -34.63 10.10
N MET A 135 22.74 -33.69 9.83
CA MET A 135 23.05 -32.29 9.92
C MET A 135 22.21 -31.62 11.01
N VAL A 136 22.80 -30.62 11.65
CA VAL A 136 22.11 -29.68 12.52
C VAL A 136 22.25 -28.28 11.98
N THR A 137 21.15 -27.55 11.95
CA THR A 137 21.15 -26.15 11.61
C THR A 137 21.08 -25.34 12.91
N LEU A 138 22.03 -24.44 13.07
CA LEU A 138 22.06 -23.58 14.24
C LEU A 138 21.90 -22.14 13.76
N GLY A 139 21.65 -21.23 14.69
CA GLY A 139 21.53 -19.85 14.27
C GLY A 139 21.81 -18.79 15.32
N CYS A 140 21.86 -17.55 14.84
N CYS A 140 21.64 -17.54 14.89
CA CYS A 140 21.87 -16.42 15.74
CA CYS A 140 22.00 -16.39 15.67
C CYS A 140 20.89 -15.40 15.19
C CYS A 140 21.10 -15.24 15.20
N LEU A 141 20.29 -14.70 16.12
CA LEU A 141 19.29 -13.69 15.84
C LEU A 141 19.85 -12.35 16.27
N VAL A 142 19.97 -11.43 15.33
CA VAL A 142 20.64 -10.16 15.56
C VAL A 142 19.56 -9.08 15.50
N LYS A 143 19.20 -8.52 16.65
CA LYS A 143 17.96 -7.75 16.73
C LYS A 143 18.09 -6.34 17.30
N GLY A 144 17.41 -5.39 16.66
CA GLY A 144 17.23 -4.05 17.24
C GLY A 144 18.42 -3.11 17.14
N TYR A 145 19.12 -3.15 16.02
CA TYR A 145 20.29 -2.31 15.81
C TYR A 145 20.05 -1.18 14.81
N PHE A 146 20.92 -0.17 14.84
CA PHE A 146 20.91 0.90 13.88
C PHE A 146 22.27 1.57 13.90
N PRO A 147 22.81 1.94 12.72
CA PRO A 147 22.36 1.68 11.34
C PRO A 147 22.91 0.36 10.80
N GLU A 148 22.60 0.07 9.55
CA GLU A 148 23.30 -0.98 8.80
C GLU A 148 24.74 -0.53 8.56
N PRO A 149 25.70 -1.47 8.40
CA PRO A 149 25.57 -2.93 8.51
C PRO A 149 26.04 -3.53 9.82
N VAL A 150 25.71 -4.81 9.97
CA VAL A 150 26.41 -5.73 10.86
C VAL A 150 27.12 -6.77 9.97
N THR A 151 28.15 -7.40 10.52
CA THR A 151 28.77 -8.54 9.84
C THR A 151 28.68 -9.68 10.81
N VAL A 152 28.28 -10.84 10.29
CA VAL A 152 28.20 -12.05 11.11
C VAL A 152 29.25 -13.01 10.61
N THR A 153 30.00 -13.58 11.55
CA THR A 153 30.80 -14.78 11.27
C THR A 153 30.44 -15.93 12.22
N TRP A 154 30.99 -17.10 11.92
CA TRP A 154 30.84 -18.28 12.76
C TRP A 154 32.23 -18.84 13.05
N ASN A 155 32.48 -19.08 14.33
CA ASN A 155 33.80 -19.52 14.79
C ASN A 155 34.91 -18.64 14.22
N SER A 156 34.68 -17.32 14.26
CA SER A 156 35.66 -16.30 13.84
C SER A 156 36.08 -16.46 12.38
N GLY A 157 35.15 -16.91 11.54
CA GLY A 157 35.44 -17.16 10.14
C GLY A 157 35.84 -18.59 9.79
N SER A 158 36.11 -19.43 10.80
CA SER A 158 36.44 -20.86 10.58
C SER A 158 35.33 -21.67 9.91
N LEU A 159 34.09 -21.33 10.21
CA LEU A 159 32.93 -21.98 9.61
C LEU A 159 32.37 -21.00 8.60
N SER A 160 32.62 -21.26 7.33
CA SER A 160 32.24 -20.32 6.27
C SER A 160 31.25 -20.95 5.29
N SER A 161 31.35 -22.26 5.13
CA SER A 161 30.47 -23.04 4.30
C SER A 161 29.15 -23.35 5.06
N GLY A 162 28.05 -23.45 4.32
CA GLY A 162 26.74 -23.76 4.91
C GLY A 162 26.13 -22.62 5.72
N VAL A 163 26.59 -21.41 5.48
CA VAL A 163 26.12 -20.21 6.17
C VAL A 163 25.16 -19.41 5.28
N HIS A 164 24.06 -18.94 5.88
CA HIS A 164 23.18 -17.95 5.26
C HIS A 164 22.95 -16.78 6.22
N THR A 165 23.45 -15.61 5.87
CA THR A 165 23.15 -14.40 6.61
C THR A 165 22.10 -13.63 5.81
N PHE A 166 20.95 -13.41 6.43
CA PHE A 166 19.82 -12.89 5.70
C PHE A 166 19.83 -11.37 5.68
N PRO A 167 19.28 -10.75 4.61
CA PRO A 167 19.12 -9.29 4.60
C PRO A 167 18.32 -8.83 5.83
N ALA A 168 18.67 -7.65 6.35
CA ALA A 168 17.96 -7.06 7.49
C ALA A 168 16.54 -6.63 7.14
N VAL A 169 15.63 -6.70 8.12
CA VAL A 169 14.32 -6.04 8.02
C VAL A 169 14.24 -4.91 9.04
N LEU A 170 13.55 -3.84 8.66
CA LEU A 170 13.25 -2.73 9.53
C LEU A 170 11.93 -2.94 10.22
N GLN A 171 11.98 -2.96 11.56
CA GLN A 171 10.79 -2.81 12.40
C GLN A 171 11.00 -1.60 13.32
N SER A 172 10.08 -0.64 13.24
CA SER A 172 10.04 0.52 14.14
C SER A 172 11.38 1.25 14.30
N ASP A 173 11.94 1.68 13.16
CA ASP A 173 13.21 2.39 13.09
C ASP A 173 14.45 1.53 13.32
N LEU A 174 14.28 0.25 13.69
CA LEU A 174 15.44 -0.60 13.97
C LEU A 174 15.51 -1.82 13.06
N TYR A 175 16.71 -2.38 12.94
CA TYR A 175 16.94 -3.53 12.07
C TYR A 175 17.06 -4.83 12.82
N THR A 176 16.63 -5.90 12.15
CA THR A 176 16.79 -7.25 12.63
C THR A 176 17.21 -8.16 11.50
N LEU A 177 18.11 -9.08 11.81
CA LEU A 177 18.42 -10.11 10.86
C LEU A 177 18.77 -11.38 11.61
N SER A 178 18.91 -12.46 10.85
CA SER A 178 19.29 -13.74 11.36
C SER A 178 20.39 -14.34 10.51
N SER A 179 21.12 -15.27 11.13
CA SER A 179 22.14 -16.05 10.45
C SER A 179 22.04 -17.54 10.84
N SER A 180 22.05 -18.41 9.83
CA SER A 180 22.06 -19.84 10.08
C SER A 180 23.36 -20.43 9.61
N VAL A 181 23.77 -21.48 10.31
CA VAL A 181 24.90 -22.32 9.93
C VAL A 181 24.43 -23.77 10.08
N THR A 182 24.82 -24.62 9.13
CA THR A 182 24.51 -26.03 9.18
C THR A 182 25.82 -26.82 9.23
N VAL A 183 25.94 -27.66 10.26
CA VAL A 183 27.13 -28.53 10.44
C VAL A 183 26.70 -30.00 10.68
N PRO A 184 27.62 -30.96 10.47
CA PRO A 184 27.35 -32.33 10.91
C PRO A 184 26.97 -32.45 12.40
N SER A 185 26.01 -33.34 12.69
CA SER A 185 25.58 -33.63 14.05
C SER A 185 26.75 -34.07 14.91
N SER A 186 27.73 -34.69 14.26
CA SER A 186 28.89 -35.23 14.96
C SER A 186 29.82 -34.10 15.42
N THR A 187 29.71 -32.92 14.80
CA THR A 187 30.55 -31.81 15.25
C THR A 187 29.90 -30.94 16.35
N TRP A 188 28.58 -30.83 16.36
CA TRP A 188 27.91 -30.09 17.40
C TRP A 188 26.94 -30.99 18.18
N PRO A 189 26.91 -30.88 19.52
CA PRO A 189 27.61 -29.88 20.33
C PRO A 189 28.95 -30.30 20.92
N SER A 190 29.59 -31.33 20.34
CA SER A 190 30.88 -31.77 20.87
C SER A 190 31.96 -30.72 20.60
N GLU A 191 31.74 -29.95 19.55
CA GLU A 191 32.60 -28.81 19.24
C GLU A 191 31.79 -27.55 19.41
N THR A 192 32.42 -26.53 19.98
CA THR A 192 31.80 -25.23 20.15
C THR A 192 31.48 -24.56 18.79
N VAL A 193 30.30 -23.98 18.70
CA VAL A 193 29.89 -23.15 17.58
C VAL A 193 29.46 -21.82 18.17
N THR A 194 30.05 -20.75 17.67
CA THR A 194 29.85 -19.40 18.19
C THR A 194 29.56 -18.45 17.02
N CYS A 195 28.54 -17.60 17.12
CA CYS A 195 28.40 -16.53 16.13
C CYS A 195 29.04 -15.25 16.64
N ASN A 196 29.74 -14.56 15.73
CA ASN A 196 30.42 -13.32 16.03
C ASN A 196 29.71 -12.20 15.23
N VAL A 197 29.30 -11.16 15.97
CA VAL A 197 28.48 -10.10 15.41
C VAL A 197 29.14 -8.76 15.70
N ALA A 198 29.70 -8.19 14.64
CA ALA A 198 30.30 -6.87 14.65
C ALA A 198 29.34 -5.81 14.10
N HIS A 199 29.30 -4.68 14.78
CA HIS A 199 28.51 -3.51 14.39
C HIS A 199 29.40 -2.28 14.35
N PRO A 200 29.99 -2.00 13.17
CA PRO A 200 30.98 -0.92 13.02
C PRO A 200 30.55 0.47 13.57
N ALA A 201 29.27 0.84 13.35
CA ALA A 201 28.75 2.15 13.75
C ALA A 201 28.76 2.41 15.26
N SER A 202 28.63 1.35 16.05
CA SER A 202 28.79 1.48 17.51
C SER A 202 30.13 0.91 18.00
N SER A 203 30.96 0.46 17.06
CA SER A 203 32.21 -0.29 17.34
C SER A 203 32.04 -1.38 18.41
N THR A 204 31.03 -2.21 18.25
CA THR A 204 30.81 -3.33 19.16
C THR A 204 31.03 -4.67 18.42
N LYS A 205 31.55 -5.63 19.16
CA LYS A 205 31.72 -6.97 18.64
C LYS A 205 31.31 -7.90 19.75
N VAL A 206 30.32 -8.73 19.44
CA VAL A 206 29.71 -9.61 20.43
C VAL A 206 29.79 -11.07 19.97
N ASP A 207 30.12 -11.96 20.90
CA ASP A 207 30.09 -13.41 20.66
C ASP A 207 28.91 -14.06 21.38
N LYS A 208 28.24 -14.99 20.70
N LYS A 208 28.29 -15.01 20.68
CA LYS A 208 27.25 -15.85 21.35
CA LYS A 208 27.26 -15.85 21.26
C LYS A 208 27.44 -17.31 20.97
C LYS A 208 27.50 -17.32 20.93
N LYS A 209 27.81 -18.11 21.95
CA LYS A 209 27.96 -19.56 21.83
C LYS A 209 26.58 -20.20 21.72
N ILE A 210 26.43 -21.17 20.82
CA ILE A 210 25.19 -21.94 20.73
C ILE A 210 25.25 -23.11 21.74
N VAL A 211 24.31 -23.12 22.68
CA VAL A 211 24.28 -24.13 23.75
C VAL A 211 23.10 -25.08 23.51
N PRO A 212 23.37 -26.41 23.50
CA PRO A 212 22.32 -27.41 23.33
C PRO A 212 21.28 -27.29 24.42
N ARG A 213 20.03 -27.53 24.05
CA ARG A 213 18.95 -27.48 25.02
C ARG A 213 17.90 -28.59 24.84
N ASP A 214 18.18 -29.54 23.96
CA ASP A 214 17.35 -30.74 23.78
C ASP A 214 17.57 -31.70 24.94
N CYS A 215 16.74 -32.74 25.00
CA CYS A 215 16.90 -33.80 25.97
C CYS A 215 16.82 -35.22 25.39
N GLY A 216 17.36 -35.41 24.18
CA GLY A 216 17.59 -36.75 23.62
C GLY A 216 16.35 -37.48 23.15
N GLU B 1 -11.78 -22.21 12.31
CA GLU B 1 -12.12 -20.76 12.44
C GLU B 1 -13.57 -20.51 12.09
N ILE B 2 -14.18 -19.58 12.82
CA ILE B 2 -15.57 -19.19 12.64
C ILE B 2 -15.70 -18.30 11.41
N GLN B 3 -16.63 -18.66 10.53
CA GLN B 3 -16.95 -17.88 9.34
C GLN B 3 -18.45 -17.75 9.17
N LEU B 4 -18.88 -16.54 8.83
CA LEU B 4 -20.24 -16.31 8.35
C LEU B 4 -20.12 -15.70 6.97
N GLN B 5 -20.55 -16.45 5.97
CA GLN B 5 -20.41 -16.04 4.58
C GLN B 5 -21.80 -15.66 4.07
N GLN B 6 -21.97 -14.38 3.74
CA GLN B 6 -23.25 -13.86 3.30
C GLN B 6 -23.38 -13.98 1.78
N SER B 7 -24.61 -14.02 1.28
CA SER B 7 -24.86 -14.01 -0.16
C SER B 7 -24.54 -12.64 -0.79
N GLY B 8 -24.42 -12.62 -2.11
CA GLY B 8 -23.97 -11.46 -2.87
C GLY B 8 -24.99 -10.35 -2.97
N PRO B 9 -24.62 -9.22 -3.64
CA PRO B 9 -25.47 -8.03 -3.72
C PRO B 9 -26.81 -8.24 -4.44
N GLU B 10 -27.83 -7.56 -3.92
CA GLU B 10 -29.18 -7.62 -4.45
C GLU B 10 -29.55 -6.28 -5.08
N LEU B 11 -30.24 -6.32 -6.21
CA LEU B 11 -30.64 -5.11 -6.91
C LEU B 11 -32.09 -5.28 -7.36
N VAL B 12 -33.01 -4.62 -6.65
CA VAL B 12 -34.45 -4.80 -6.90
C VAL B 12 -35.29 -3.53 -6.90
N LYS B 13 -36.47 -3.63 -7.52
CA LYS B 13 -37.42 -2.52 -7.67
C LYS B 13 -38.25 -2.33 -6.41
N PRO B 14 -38.77 -1.10 -6.18
CA PRO B 14 -39.71 -0.86 -5.08
C PRO B 14 -40.86 -1.86 -5.06
N GLY B 15 -41.25 -2.31 -3.88
CA GLY B 15 -42.38 -3.24 -3.74
C GLY B 15 -42.02 -4.70 -3.88
N ALA B 16 -40.78 -5.00 -4.29
CA ALA B 16 -40.27 -6.36 -4.36
C ALA B 16 -39.77 -6.90 -2.99
N SER B 17 -39.31 -8.16 -3.02
CA SER B 17 -38.74 -8.82 -1.84
C SER B 17 -37.35 -9.38 -2.17
N VAL B 18 -36.56 -9.58 -1.13
CA VAL B 18 -35.27 -10.26 -1.25
C VAL B 18 -35.09 -11.16 -0.07
N LYS B 19 -34.28 -12.21 -0.25
CA LYS B 19 -33.89 -13.09 0.85
C LYS B 19 -32.37 -13.27 0.85
N VAL B 20 -31.78 -12.71 1.90
CA VAL B 20 -30.33 -12.73 2.11
C VAL B 20 -30.02 -13.93 3.00
N SER B 21 -28.97 -14.67 2.64
CA SER B 21 -28.53 -15.82 3.39
C SER B 21 -27.18 -15.58 4.02
N CYS B 22 -26.88 -16.39 5.03
CA CYS B 22 -25.71 -16.21 5.87
C CYS B 22 -25.27 -17.60 6.31
N LYS B 23 -24.31 -18.15 5.59
CA LYS B 23 -23.83 -19.51 5.84
C LYS B 23 -22.86 -19.51 7.01
N ALA B 24 -23.21 -20.21 8.09
CA ALA B 24 -22.37 -20.32 9.29
C ALA B 24 -21.50 -21.58 9.29
N SER B 25 -20.26 -21.45 9.74
CA SER B 25 -19.37 -22.60 9.89
C SER B 25 -18.34 -22.39 10.99
N GLY B 26 -17.71 -23.49 11.41
CA GLY B 26 -16.65 -23.47 12.42
C GLY B 26 -17.10 -23.59 13.87
N TYR B 27 -18.41 -23.72 14.07
CA TYR B 27 -18.97 -23.87 15.42
C TYR B 27 -20.32 -24.60 15.41
N SER B 28 -20.79 -24.99 16.59
CA SER B 28 -22.09 -25.62 16.76
C SER B 28 -23.22 -24.64 16.50
N PHE B 29 -23.82 -24.76 15.32
CA PHE B 29 -24.81 -23.86 14.75
C PHE B 29 -26.07 -23.60 15.61
N THR B 30 -26.58 -24.64 16.23
CA THR B 30 -27.78 -24.52 17.08
C THR B 30 -27.49 -23.95 18.46
N ASP B 31 -26.22 -23.93 18.86
CA ASP B 31 -25.85 -23.50 20.20
C ASP B 31 -25.72 -21.97 20.39
N TYR B 32 -25.86 -21.21 19.31
CA TYR B 32 -25.72 -19.74 19.33
C TYR B 32 -26.74 -18.99 18.44
N PHE B 33 -27.25 -17.87 18.98
CA PHE B 33 -28.15 -16.96 18.26
C PHE B 33 -27.45 -16.24 17.10
N ILE B 34 -28.17 -16.10 15.99
CA ILE B 34 -27.74 -15.28 14.86
C ILE B 34 -28.46 -13.94 14.92
N TYR B 35 -27.70 -12.87 14.82
CA TYR B 35 -28.23 -11.51 14.85
C TYR B 35 -28.13 -10.87 13.46
N TRP B 36 -29.03 -9.95 13.19
CA TRP B 36 -29.01 -9.24 11.93
C TRP B 36 -29.00 -7.75 12.20
N VAL B 37 -28.21 -7.03 11.40
CA VAL B 37 -27.94 -5.60 11.61
C VAL B 37 -27.98 -4.83 10.27
N LYS B 38 -28.56 -3.62 10.30
CA LYS B 38 -28.58 -2.77 9.11
C LYS B 38 -27.56 -1.65 9.25
N GLN B 39 -26.74 -1.48 8.21
CA GLN B 39 -25.84 -0.33 8.15
C GLN B 39 -26.31 0.56 7.01
N SER B 40 -26.78 1.75 7.37
CA SER B 40 -27.24 2.72 6.42
C SER B 40 -26.12 3.66 6.04
N HIS B 41 -26.17 4.17 4.81
N HIS B 41 -26.21 4.18 4.81
CA HIS B 41 -25.27 5.24 4.35
CA HIS B 41 -25.33 5.23 4.30
C HIS B 41 -23.78 4.95 4.62
C HIS B 41 -25.29 6.33 5.34
N GLY B 42 -23.47 3.66 4.86
N GLY B 42 -24.10 6.62 5.85
CA GLY B 42 -22.11 3.26 5.21
CA GLY B 42 -23.97 7.48 7.01
C GLY B 42 -21.69 3.59 6.64
C GLY B 42 -23.38 6.68 8.15
N LYS B 43 -22.65 3.88 7.51
N LYS B 43 -23.16 5.39 7.91
CA LYS B 43 -22.31 4.21 8.90
CA LYS B 43 -22.39 4.56 8.84
C LYS B 43 -23.30 3.80 10.00
C LYS B 43 -23.20 4.11 10.06
N SER B 44 -24.51 4.39 10.04
CA SER B 44 -25.42 4.18 11.19
C SER B 44 -25.97 2.77 11.29
N LEU B 45 -25.82 2.18 12.48
CA LEU B 45 -26.14 0.77 12.72
C LEU B 45 -27.42 0.55 13.53
N GLU B 46 -28.25 -0.38 13.06
CA GLU B 46 -29.48 -0.75 13.75
C GLU B 46 -29.59 -2.27 13.90
N TRP B 47 -29.91 -2.73 15.10
CA TRP B 47 -30.26 -4.13 15.31
C TRP B 47 -31.62 -4.38 14.64
N ILE B 48 -31.68 -5.39 13.77
CA ILE B 48 -32.95 -5.75 13.11
C ILE B 48 -33.76 -6.75 13.93
N GLY B 49 -33.06 -7.79 14.40
CA GLY B 49 -33.69 -8.91 15.07
C GLY B 49 -32.68 -10.01 15.28
N ASP B 50 -33.09 -11.07 15.98
CA ASP B 50 -32.23 -12.24 16.11
C ASP B 50 -33.02 -13.54 16.06
N ILE B 51 -32.32 -14.65 15.92
CA ILE B 51 -32.97 -15.96 15.81
C ILE B 51 -32.19 -17.03 16.59
N ASP B 52 -32.94 -17.87 17.29
CA ASP B 52 -32.45 -19.04 17.98
C ASP B 52 -32.56 -20.20 16.97
N PRO B 53 -31.41 -20.67 16.44
CA PRO B 53 -31.51 -21.69 15.38
C PRO B 53 -31.90 -23.06 15.89
N TYR B 54 -31.92 -23.25 17.21
CA TYR B 54 -32.32 -24.53 17.79
C TYR B 54 -33.82 -24.84 17.63
N ASN B 55 -34.66 -23.80 17.48
CA ASN B 55 -36.11 -23.98 17.63
C ASN B 55 -36.94 -23.03 16.77
N GLY B 56 -36.27 -22.00 16.22
CA GLY B 56 -36.90 -21.05 15.30
C GLY B 56 -37.37 -19.74 15.97
N ASP B 57 -37.14 -19.62 17.29
CA ASP B 57 -37.54 -18.45 18.07
C ASP B 57 -36.90 -17.15 17.58
N THR B 58 -37.73 -16.14 17.37
CA THR B 58 -37.25 -14.89 16.82
C THR B 58 -37.60 -13.71 17.70
N SER B 59 -36.72 -12.72 17.69
CA SER B 59 -36.96 -11.43 18.30
C SER B 59 -36.67 -10.32 17.29
N TYR B 60 -37.49 -9.26 17.30
CA TYR B 60 -37.37 -8.18 16.35
C TYR B 60 -37.37 -6.79 16.98
N ASN B 61 -36.56 -5.91 16.40
CA ASN B 61 -36.73 -4.48 16.60
C ASN B 61 -38.11 -4.11 16.08
N GLN B 62 -38.95 -3.49 16.93
CA GLN B 62 -40.31 -3.09 16.54
C GLN B 62 -40.32 -2.37 15.20
N LYS B 63 -39.28 -1.57 14.97
CA LYS B 63 -39.06 -0.85 13.72
C LYS B 63 -39.06 -1.77 12.49
N PHE B 64 -38.67 -3.04 12.68
CA PHE B 64 -38.48 -3.97 11.56
C PHE B 64 -39.43 -5.16 11.50
N ARG B 65 -40.28 -5.31 12.50
CA ARG B 65 -41.15 -6.49 12.63
C ARG B 65 -41.91 -6.83 11.33
N ASP B 66 -42.48 -5.81 10.68
CA ASP B 66 -43.29 -6.00 9.48
C ASP B 66 -42.44 -5.96 8.20
N LYS B 67 -41.18 -5.54 8.34
CA LYS B 67 -40.25 -5.48 7.22
C LYS B 67 -39.48 -6.80 7.08
N ALA B 68 -38.94 -7.31 8.20
CA ALA B 68 -38.01 -8.44 8.15
C ALA B 68 -38.60 -9.73 8.70
N THR B 69 -38.25 -10.85 8.08
CA THR B 69 -38.56 -12.19 8.60
C THR B 69 -37.33 -13.10 8.63
N LEU B 70 -36.95 -13.51 9.85
CA LEU B 70 -35.75 -14.31 10.03
C LEU B 70 -36.07 -15.79 10.10
N THR B 71 -35.34 -16.57 9.32
CA THR B 71 -35.47 -18.03 9.34
C THR B 71 -34.10 -18.67 9.40
N VAL B 72 -34.10 -19.99 9.45
CA VAL B 72 -32.91 -20.81 9.57
C VAL B 72 -33.18 -22.15 8.87
N ASP B 73 -32.16 -22.72 8.22
CA ASP B 73 -32.21 -24.13 7.78
C ASP B 73 -31.05 -24.86 8.45
N GLN B 74 -31.39 -25.79 9.35
CA GLN B 74 -30.42 -26.50 10.20
C GLN B 74 -29.39 -27.32 9.39
N SER B 75 -29.90 -28.08 8.42
CA SER B 75 -29.08 -28.94 7.55
C SER B 75 -27.89 -28.23 6.91
N SER B 76 -28.16 -27.08 6.30
CA SER B 76 -27.11 -26.32 5.62
C SER B 76 -26.47 -25.24 6.52
N THR B 77 -26.85 -25.22 7.79
CA THR B 77 -26.38 -24.26 8.82
C THR B 77 -26.39 -22.81 8.33
N THR B 78 -27.53 -22.42 7.77
CA THR B 78 -27.69 -21.12 7.13
C THR B 78 -28.83 -20.34 7.78
N ALA B 79 -28.61 -19.06 8.02
CA ALA B 79 -29.67 -18.17 8.50
C ALA B 79 -30.14 -17.27 7.35
N PHE B 80 -31.44 -16.94 7.37
CA PHE B 80 -32.05 -16.17 6.30
C PHE B 80 -32.74 -14.92 6.81
N MET B 81 -32.61 -13.85 6.03
CA MET B 81 -33.31 -12.60 6.26
C MET B 81 -34.09 -12.24 5.01
N HIS B 82 -35.41 -12.35 5.12
CA HIS B 82 -36.30 -11.97 4.05
C HIS B 82 -36.79 -10.57 4.38
N LEU B 83 -36.69 -9.68 3.40
CA LEU B 83 -37.23 -8.32 3.50
C LEU B 83 -38.34 -8.19 2.45
N ASN B 84 -39.50 -7.67 2.86
CA ASN B 84 -40.65 -7.49 1.96
C ASN B 84 -40.92 -6.02 1.65
N SER B 85 -41.75 -5.79 0.62
CA SER B 85 -42.27 -4.48 0.23
C SER B 85 -41.19 -3.40 0.23
N LEU B 86 -40.14 -3.69 -0.52
CA LEU B 86 -38.93 -2.89 -0.43
C LEU B 86 -39.14 -1.46 -0.92
N THR B 87 -38.49 -0.52 -0.26
CA THR B 87 -38.45 0.87 -0.68
C THR B 87 -36.99 1.33 -0.64
N SER B 88 -36.73 2.50 -1.21
CA SER B 88 -35.40 3.10 -1.21
C SER B 88 -34.83 3.23 0.20
N GLU B 89 -35.70 3.40 1.18
CA GLU B 89 -35.32 3.43 2.59
C GLU B 89 -34.73 2.09 3.06
N ASP B 90 -34.97 1.03 2.29
CA ASP B 90 -34.39 -0.27 2.61
C ASP B 90 -32.98 -0.48 2.06
N SER B 91 -32.56 0.35 1.12
CA SER B 91 -31.21 0.27 0.56
C SER B 91 -30.16 0.42 1.66
N ALA B 92 -29.26 -0.56 1.76
CA ALA B 92 -28.33 -0.63 2.88
C ALA B 92 -27.43 -1.83 2.73
N VAL B 93 -26.49 -1.93 3.66
CA VAL B 93 -25.67 -3.12 3.81
C VAL B 93 -26.20 -3.84 5.05
N TYR B 94 -26.63 -5.08 4.87
CA TYR B 94 -27.16 -5.89 5.95
C TYR B 94 -26.11 -6.92 6.37
N PHE B 95 -25.89 -7.03 7.68
CA PHE B 95 -24.91 -7.96 8.26
C PHE B 95 -25.64 -9.04 9.07
N CYS B 96 -25.14 -10.27 9.02
CA CYS B 96 -25.53 -11.27 10.03
C CYS B 96 -24.35 -11.39 10.96
N ALA B 97 -24.60 -11.80 12.20
CA ALA B 97 -23.52 -12.01 13.18
C ALA B 97 -23.86 -13.14 14.14
N ARG B 98 -22.85 -13.88 14.58
CA ARG B 98 -23.03 -14.80 15.71
C ARG B 98 -22.90 -13.92 16.94
N GLY B 99 -24.00 -13.82 17.68
N GLY B 99 -24.01 -13.70 17.63
CA GLY B 99 -24.12 -12.85 18.75
CA GLY B 99 -24.04 -12.93 18.89
C GLY B 99 -23.92 -11.52 18.08
C GLY B 99 -23.54 -11.49 18.87
N LEU B 100 -23.14 -10.65 18.71
N LEU B 100 -23.26 -10.95 17.68
CA LEU B 100 -22.66 -9.46 18.03
CA LEU B 100 -22.70 -9.58 17.60
C LEU B 100 -21.14 -9.52 18.04
C LEU B 100 -21.22 -9.56 17.94
N ARG B 101 -20.62 -10.75 17.95
CA ARG B 101 -19.21 -10.99 18.18
C ARG B 101 -18.48 -11.37 16.89
N PHE B 102 -19.01 -12.33 16.14
CA PHE B 102 -18.41 -12.70 14.85
C PHE B 102 -19.35 -12.34 13.72
N TRP B 103 -18.81 -11.61 12.75
CA TRP B 103 -19.64 -10.96 11.72
C TRP B 103 -19.51 -11.51 10.28
N GLY B 104 -20.63 -11.56 9.56
CA GLY B 104 -20.60 -11.74 8.11
C GLY B 104 -19.94 -10.53 7.42
N GLN B 105 -19.64 -10.68 6.12
CA GLN B 105 -18.96 -9.62 5.36
C GLN B 105 -19.94 -8.54 4.88
N GLY B 106 -21.24 -8.77 5.07
CA GLY B 106 -22.25 -7.80 4.71
C GLY B 106 -22.81 -8.10 3.35
N THR B 107 -24.05 -7.67 3.12
CA THR B 107 -24.68 -7.82 1.83
C THR B 107 -25.33 -6.50 1.44
N LEU B 108 -24.95 -5.99 0.28
CA LEU B 108 -25.55 -4.76 -0.22
C LEU B 108 -26.91 -5.05 -0.90
N VAL B 109 -27.92 -4.32 -0.43
CA VAL B 109 -29.24 -4.32 -1.03
C VAL B 109 -29.54 -2.93 -1.56
N THR B 110 -29.85 -2.83 -2.85
CA THR B 110 -30.18 -1.56 -3.51
C THR B 110 -31.59 -1.60 -4.13
N VAL B 111 -32.45 -0.65 -3.73
CA VAL B 111 -33.83 -0.55 -4.19
C VAL B 111 -33.96 0.66 -5.12
N SER B 112 -34.37 0.41 -6.35
CA SER B 112 -34.53 1.47 -7.34
C SER B 112 -35.48 1.01 -8.42
N ALA B 113 -36.25 1.95 -8.96
CA ALA B 113 -37.15 1.65 -10.06
C ALA B 113 -36.45 1.77 -11.38
N ALA B 114 -35.22 2.28 -11.36
CA ALA B 114 -34.43 2.58 -12.58
C ALA B 114 -34.06 1.35 -13.39
N LYS B 115 -33.91 1.54 -14.69
CA LYS B 115 -33.42 0.47 -15.52
C LYS B 115 -31.94 0.71 -15.79
N THR B 116 -31.23 -0.35 -16.16
CA THR B 116 -29.83 -0.25 -16.59
C THR B 116 -29.70 0.85 -17.64
N THR B 117 -28.75 1.76 -17.44
CA THR B 117 -28.52 2.92 -18.28
C THR B 117 -27.02 3.24 -18.37
N PRO B 118 -26.47 3.30 -19.61
CA PRO B 118 -25.04 3.62 -19.75
C PRO B 118 -24.73 5.10 -19.47
N PRO B 119 -23.50 5.41 -19.02
CA PRO B 119 -23.16 6.80 -18.75
C PRO B 119 -22.84 7.57 -20.04
N SER B 120 -23.03 8.89 -19.98
CA SER B 120 -22.42 9.79 -20.93
C SER B 120 -21.11 10.24 -20.31
N VAL B 121 -20.05 10.34 -21.10
CA VAL B 121 -18.76 10.79 -20.58
C VAL B 121 -18.32 12.07 -21.28
N TYR B 122 -18.11 13.11 -20.49
CA TYR B 122 -17.78 14.42 -21.03
C TYR B 122 -16.40 14.87 -20.52
N PRO B 123 -15.60 15.50 -21.40
CA PRO B 123 -14.27 15.93 -20.95
C PRO B 123 -14.36 17.26 -20.24
N LEU B 124 -13.47 17.44 -19.26
CA LEU B 124 -13.33 18.68 -18.51
C LEU B 124 -11.94 19.20 -18.82
N ALA B 125 -11.92 20.26 -19.65
CA ALA B 125 -10.71 20.93 -20.08
C ALA B 125 -10.80 22.39 -19.61
N PRO B 126 -9.67 22.97 -19.15
CA PRO B 126 -9.76 24.36 -18.74
C PRO B 126 -10.24 25.25 -19.89
N GLY B 127 -11.04 26.26 -19.56
CA GLY B 127 -11.60 27.13 -20.57
C GLY B 127 -10.64 28.21 -21.02
N SER B 128 -9.54 28.38 -20.31
CA SER B 128 -8.50 29.33 -20.66
C SER B 128 -7.10 28.72 -20.50
N ALA B 129 -6.09 29.46 -20.94
CA ALA B 129 -4.68 29.03 -20.93
C ALA B 129 -4.04 29.24 -19.56
N ALA B 130 -4.74 29.93 -18.66
CA ALA B 130 -4.25 30.16 -17.30
C ALA B 130 -3.70 28.87 -16.70
N GLN B 131 -2.46 28.95 -16.20
CA GLN B 131 -1.73 27.81 -15.65
C GLN B 131 -1.20 28.28 -14.30
N THR B 132 -1.51 27.54 -13.24
CA THR B 132 -1.04 27.90 -11.91
C THR B 132 -0.02 26.91 -11.35
N ASN B 133 1.16 27.46 -11.03
CA ASN B 133 2.31 26.74 -10.47
C ASN B 133 2.79 25.57 -11.35
N SER B 134 2.73 25.75 -12.67
CA SER B 134 3.19 24.75 -13.63
C SER B 134 2.33 23.47 -13.68
N MET B 135 1.12 23.54 -13.14
CA MET B 135 0.20 22.39 -13.15
C MET B 135 -1.09 22.75 -13.83
N VAL B 136 -1.71 21.74 -14.43
CA VAL B 136 -3.02 21.86 -15.03
C VAL B 136 -3.88 20.70 -14.53
N THR B 137 -5.13 20.99 -14.20
CA THR B 137 -6.05 19.96 -13.77
C THR B 137 -7.04 19.70 -14.89
N LEU B 138 -7.26 18.41 -15.16
CA LEU B 138 -8.24 17.95 -16.15
C LEU B 138 -9.24 17.01 -15.46
N GLY B 139 -10.29 16.62 -16.17
CA GLY B 139 -11.26 15.70 -15.60
C GLY B 139 -12.23 15.10 -16.61
N CYS B 140 -13.08 14.22 -16.09
CA CYS B 140 -14.15 13.59 -16.84
C CYS B 140 -15.42 13.59 -16.01
N LEU B 141 -16.52 13.96 -16.66
CA LEU B 141 -17.83 13.95 -16.08
C LEU B 141 -18.53 12.74 -16.65
N VAL B 142 -18.93 11.86 -15.72
CA VAL B 142 -19.57 10.61 -16.02
C VAL B 142 -21.01 10.70 -15.46
N LYS B 143 -21.94 10.82 -16.40
CA LYS B 143 -23.26 11.34 -16.09
C LYS B 143 -24.39 10.41 -16.54
N GLY B 144 -25.40 10.30 -15.68
CA GLY B 144 -26.65 9.64 -16.01
C GLY B 144 -26.64 8.13 -16.18
N TYR B 145 -26.00 7.39 -15.25
CA TYR B 145 -25.89 5.94 -15.36
C TYR B 145 -26.57 5.21 -14.20
N PHE B 146 -26.89 3.95 -14.46
CA PHE B 146 -27.43 3.04 -13.50
C PHE B 146 -27.23 1.58 -13.94
N PRO B 147 -26.83 0.70 -13.00
CA PRO B 147 -26.53 0.99 -11.56
C PRO B 147 -25.06 1.31 -11.29
N GLU B 148 -24.74 1.53 -10.02
CA GLU B 148 -23.35 1.51 -9.58
C GLU B 148 -22.79 0.09 -9.78
N PRO B 149 -21.46 -0.04 -9.96
CA PRO B 149 -20.50 1.07 -10.07
C PRO B 149 -20.04 1.37 -11.49
N VAL B 150 -19.25 2.45 -11.62
CA VAL B 150 -18.38 2.68 -12.76
C VAL B 150 -16.93 2.68 -12.27
N THR B 151 -15.98 2.37 -13.17
CA THR B 151 -14.57 2.57 -12.84
C THR B 151 -14.00 3.64 -13.76
N VAL B 152 -13.09 4.44 -13.21
CA VAL B 152 -12.36 5.44 -13.95
C VAL B 152 -10.87 5.23 -13.72
N THR B 153 -10.10 5.22 -14.81
CA THR B 153 -8.65 5.33 -14.77
C THR B 153 -8.23 6.43 -15.73
N TRP B 154 -6.94 6.76 -15.72
CA TRP B 154 -6.35 7.72 -16.65
C TRP B 154 -5.14 7.11 -17.34
N ASN B 155 -5.09 7.25 -18.66
CA ASN B 155 -4.04 6.67 -19.52
C ASN B 155 -3.82 5.19 -19.22
N SER B 156 -4.94 4.48 -19.05
CA SER B 156 -4.95 3.04 -18.86
C SER B 156 -4.24 2.60 -17.57
N GLY B 157 -4.35 3.43 -16.54
CA GLY B 157 -3.73 3.11 -15.26
C GLY B 157 -2.32 3.65 -15.10
N SER B 158 -1.72 4.12 -16.19
CA SER B 158 -0.35 4.60 -16.16
C SER B 158 -0.25 5.99 -15.52
N LEU B 159 -1.40 6.63 -15.34
CA LEU B 159 -1.46 7.92 -14.69
C LEU B 159 -2.30 7.71 -13.45
N SER B 160 -1.60 7.56 -12.31
CA SER B 160 -2.23 7.16 -11.06
C SER B 160 -2.08 8.19 -9.95
N SER B 161 -1.01 8.98 -10.03
CA SER B 161 -0.79 10.05 -9.07
C SER B 161 -1.60 11.27 -9.46
N GLY B 162 -2.15 11.95 -8.45
CA GLY B 162 -2.91 13.17 -8.69
C GLY B 162 -4.31 12.95 -9.22
N VAL B 163 -4.85 11.73 -9.04
CA VAL B 163 -6.23 11.41 -9.41
C VAL B 163 -7.15 11.50 -8.20
N HIS B 164 -8.33 12.08 -8.42
CA HIS B 164 -9.43 11.97 -7.46
C HIS B 164 -10.68 11.56 -8.23
N THR B 165 -11.19 10.38 -7.93
CA THR B 165 -12.44 9.91 -8.49
C THR B 165 -13.45 10.00 -7.36
N PHE B 166 -14.41 10.90 -7.52
CA PHE B 166 -15.37 11.26 -6.49
C PHE B 166 -16.54 10.29 -6.38
N PRO B 167 -17.06 10.10 -5.18
CA PRO B 167 -18.23 9.22 -5.07
C PRO B 167 -19.38 9.73 -5.97
N ALA B 168 -20.19 8.82 -6.51
CA ALA B 168 -21.39 9.20 -7.27
C ALA B 168 -22.45 9.85 -6.38
N VAL B 169 -23.19 10.78 -6.99
CA VAL B 169 -24.39 11.34 -6.39
C VAL B 169 -25.59 10.91 -7.23
N LEU B 170 -26.73 10.73 -6.57
CA LEU B 170 -27.93 10.31 -7.22
C LEU B 170 -28.63 11.56 -7.70
N GLN B 171 -28.71 11.68 -9.03
CA GLN B 171 -29.43 12.75 -9.70
C GLN B 171 -30.76 12.16 -10.19
N SER B 172 -31.70 11.95 -9.27
CA SER B 172 -33.07 11.54 -9.64
C SER B 172 -33.06 10.23 -10.42
N ASP B 173 -32.81 9.15 -9.67
CA ASP B 173 -32.76 7.78 -10.19
C ASP B 173 -31.49 7.41 -10.97
N LEU B 174 -30.71 8.42 -11.38
CA LEU B 174 -29.48 8.13 -12.07
C LEU B 174 -28.26 8.71 -11.34
N TYR B 175 -27.10 8.11 -11.59
CA TYR B 175 -25.87 8.49 -10.94
C TYR B 175 -25.01 9.34 -11.86
N THR B 176 -24.28 10.22 -11.21
CA THR B 176 -23.25 11.02 -11.83
C THR B 176 -22.02 11.06 -10.94
N LEU B 177 -20.85 10.87 -11.54
CA LEU B 177 -19.62 11.22 -10.84
C LEU B 177 -18.64 11.96 -11.72
N SER B 178 -17.61 12.48 -11.07
CA SER B 178 -16.53 13.11 -11.78
C SER B 178 -15.19 12.57 -11.29
N SER B 179 -14.21 12.60 -12.17
CA SER B 179 -12.81 12.30 -11.86
C SER B 179 -11.91 13.46 -12.32
N SER B 180 -10.98 13.88 -11.46
CA SER B 180 -9.96 14.85 -11.85
C SER B 180 -8.58 14.22 -11.84
N VAL B 181 -7.70 14.78 -12.67
CA VAL B 181 -6.29 14.44 -12.67
C VAL B 181 -5.48 15.75 -12.82
N THR B 182 -4.36 15.84 -12.12
CA THR B 182 -3.51 17.02 -12.16
C THR B 182 -2.12 16.59 -12.61
N VAL B 183 -1.64 17.24 -13.67
CA VAL B 183 -0.39 16.89 -14.34
C VAL B 183 0.44 18.16 -14.61
N PRO B 184 1.78 18.01 -14.79
CA PRO B 184 2.61 19.15 -15.17
C PRO B 184 2.09 19.78 -16.45
N SER B 185 2.06 21.10 -16.50
CA SER B 185 1.66 21.78 -17.72
C SER B 185 2.52 21.37 -18.94
N SER B 186 3.78 21.01 -18.69
CA SER B 186 4.67 20.51 -19.74
C SER B 186 4.24 19.15 -20.31
N THR B 187 3.43 18.41 -19.55
CA THR B 187 2.92 17.13 -20.04
C THR B 187 1.68 17.28 -20.94
N TRP B 188 0.78 18.20 -20.63
CA TRP B 188 -0.45 18.36 -21.42
C TRP B 188 -0.55 19.79 -21.96
N PRO B 189 -0.96 19.97 -23.23
CA PRO B 189 -1.49 19.00 -24.19
C PRO B 189 -0.47 18.30 -25.10
N SER B 190 0.83 18.50 -24.86
CA SER B 190 1.86 17.85 -25.68
C SER B 190 1.75 16.33 -25.63
N GLU B 191 1.42 15.80 -24.44
CA GLU B 191 1.08 14.36 -24.28
C GLU B 191 -0.44 14.23 -24.10
N THR B 192 -1.02 13.16 -24.63
CA THR B 192 -2.45 12.94 -24.50
C THR B 192 -2.82 12.47 -23.09
N VAL B 193 -4.03 12.85 -22.67
CA VAL B 193 -4.61 12.48 -21.38
C VAL B 193 -6.04 12.03 -21.70
N THR B 194 -6.33 10.79 -21.30
CA THR B 194 -7.55 10.07 -21.64
C THR B 194 -8.12 9.47 -20.38
N CYS B 195 -9.41 9.68 -20.12
CA CYS B 195 -10.04 8.96 -19.03
C CYS B 195 -10.68 7.71 -19.63
N ASN B 196 -10.52 6.61 -18.90
CA ASN B 196 -11.04 5.30 -19.27
C ASN B 196 -12.19 4.98 -18.31
N VAL B 197 -13.40 4.95 -18.86
CA VAL B 197 -14.63 4.77 -18.08
C VAL B 197 -15.25 3.43 -18.48
N ALA B 198 -15.57 2.63 -17.48
CA ALA B 198 -16.21 1.33 -17.71
C ALA B 198 -17.45 1.24 -16.81
N HIS B 199 -18.55 0.76 -17.38
CA HIS B 199 -19.78 0.54 -16.64
C HIS B 199 -20.12 -0.92 -16.87
N PRO B 200 -19.54 -1.82 -16.06
CA PRO B 200 -19.71 -3.27 -16.37
C PRO B 200 -21.18 -3.65 -16.61
N ALA B 201 -22.09 -3.09 -15.82
CA ALA B 201 -23.51 -3.43 -15.90
C ALA B 201 -24.14 -3.24 -17.27
N SER B 202 -23.72 -2.22 -18.01
CA SER B 202 -24.24 -2.00 -19.38
C SER B 202 -23.26 -2.34 -20.50
N SER B 203 -22.11 -2.91 -20.16
CA SER B 203 -21.06 -3.28 -21.13
C SER B 203 -20.60 -2.06 -21.93
N THR B 204 -20.39 -0.95 -21.23
CA THR B 204 -19.94 0.31 -21.80
C THR B 204 -18.48 0.50 -21.42
N LYS B 205 -17.68 0.89 -22.41
CA LYS B 205 -16.30 1.28 -22.20
C LYS B 205 -16.08 2.49 -23.08
N VAL B 206 -15.70 3.60 -22.45
CA VAL B 206 -15.43 4.84 -23.15
C VAL B 206 -14.07 5.37 -22.70
N ASP B 207 -13.25 5.67 -23.72
CA ASP B 207 -11.99 6.37 -23.55
C ASP B 207 -12.12 7.74 -24.16
N LYS B 208 -12.27 8.73 -23.27
CA LYS B 208 -12.42 10.11 -23.65
C LYS B 208 -11.10 10.88 -23.58
N LYS B 209 -10.63 11.35 -24.74
CA LYS B 209 -9.42 12.15 -24.82
C LYS B 209 -9.74 13.58 -24.36
N ILE B 210 -8.87 14.14 -23.54
CA ILE B 210 -9.05 15.52 -23.16
C ILE B 210 -8.31 16.41 -24.16
N VAL B 211 -9.11 17.16 -24.94
CA VAL B 211 -8.59 18.08 -25.95
C VAL B 211 -8.67 19.53 -25.42
N PRO B 212 -7.60 20.34 -25.62
CA PRO B 212 -7.64 21.74 -25.19
C PRO B 212 -8.77 22.52 -25.86
N ARG B 213 -9.33 23.49 -25.14
CA ARG B 213 -10.31 24.38 -25.73
C ARG B 213 -9.97 25.87 -25.52
N ASP B 214 -8.77 26.16 -25.00
CA ASP B 214 -8.30 27.53 -24.79
C ASP B 214 -7.79 28.13 -26.10
N CYS B 215 -7.60 29.43 -26.12
CA CYS B 215 -7.01 30.07 -27.29
C CYS B 215 -5.78 30.93 -26.94
N GLY B 216 -4.94 30.41 -26.06
CA GLY B 216 -3.65 30.99 -25.72
C GLY B 216 -3.63 32.31 -24.97
N ASP C 1 4.03 11.53 -18.60
CA ASP C 1 5.39 10.98 -18.89
C ASP C 1 5.25 9.66 -19.64
N ILE C 2 6.32 9.25 -20.33
CA ILE C 2 6.35 7.99 -21.08
C ILE C 2 6.69 6.81 -20.14
N GLN C 3 5.83 5.79 -20.17
CA GLN C 3 6.02 4.58 -19.37
C GLN C 3 6.72 3.53 -20.22
N MET C 4 7.80 2.97 -19.66
CA MET C 4 8.52 1.86 -20.28
C MET C 4 8.25 0.64 -19.41
N THR C 5 7.39 -0.24 -19.90
CA THR C 5 7.05 -1.49 -19.19
C THR C 5 8.02 -2.57 -19.65
N GLN C 6 8.83 -3.08 -18.71
CA GLN C 6 9.90 -4.04 -18.99
C GLN C 6 9.51 -5.41 -18.48
N SER C 7 9.71 -6.42 -19.31
CA SER C 7 9.37 -7.80 -18.93
C SER C 7 10.36 -8.76 -19.57
N PRO C 8 10.63 -9.91 -18.90
CA PRO C 8 10.11 -10.29 -17.59
C PRO C 8 10.83 -9.49 -16.50
N SER C 9 10.31 -9.43 -15.27
CA SER C 9 11.06 -8.77 -14.20
C SER C 9 12.23 -9.64 -13.70
N SER C 10 12.12 -10.94 -13.91
CA SER C 10 13.26 -11.84 -13.76
C SER C 10 13.09 -13.09 -14.60
N LEU C 11 14.21 -13.73 -14.89
CA LEU C 11 14.23 -14.83 -15.81
C LEU C 11 15.35 -15.77 -15.44
N SER C 12 14.96 -17.04 -15.25
CA SER C 12 15.89 -18.14 -15.12
C SER C 12 16.29 -18.68 -16.49
N ALA C 13 17.60 -18.78 -16.67
CA ALA C 13 18.16 -19.41 -17.83
C ALA C 13 19.50 -20.00 -17.43
N SER C 14 20.15 -20.68 -18.39
CA SER C 14 21.41 -21.31 -18.14
C SER C 14 22.49 -20.91 -19.20
N LEU C 15 23.74 -21.23 -18.79
CA LEU C 15 24.89 -20.99 -19.73
C LEU C 15 24.60 -21.60 -21.13
N GLY C 16 24.76 -20.76 -22.18
CA GLY C 16 24.63 -21.23 -23.60
C GLY C 16 23.22 -20.97 -24.14
N GLU C 17 22.27 -20.77 -23.22
CA GLU C 17 20.88 -20.44 -23.57
C GLU C 17 20.75 -19.06 -24.23
N ARG C 18 19.70 -18.89 -25.02
CA ARG C 18 19.42 -17.64 -25.70
C ARG C 18 18.20 -17.00 -25.05
N VAL C 19 18.32 -15.74 -24.66
CA VAL C 19 17.23 -15.05 -23.99
C VAL C 19 16.96 -13.64 -24.53
N SER C 20 15.75 -13.16 -24.27
CA SER C 20 15.32 -11.83 -24.69
C SER C 20 14.55 -11.10 -23.60
N LEU C 21 14.80 -9.80 -23.49
CA LEU C 21 14.14 -8.93 -22.54
C LEU C 21 13.45 -7.85 -23.35
N THR C 22 12.29 -7.39 -22.89
CA THR C 22 11.47 -6.43 -23.66
C THR C 22 11.01 -5.18 -22.90
N CYS C 23 11.05 -4.03 -23.57
CA CYS C 23 10.47 -2.80 -23.05
C CYS C 23 9.41 -2.27 -24.03
N ARG C 24 8.20 -2.09 -23.50
CA ARG C 24 7.10 -1.54 -24.27
C ARG C 24 6.96 -0.07 -23.94
N ALA C 25 7.05 0.78 -24.97
CA ALA C 25 6.88 2.23 -24.82
C ALA C 25 5.40 2.63 -24.92
N SER C 26 4.98 3.51 -24.01
CA SER C 26 3.57 3.91 -23.94
C SER C 26 3.24 4.93 -25.03
N GLN C 27 4.27 5.64 -25.48
CA GLN C 27 4.17 6.60 -26.58
C GLN C 27 5.32 6.32 -27.54
N ASP C 28 5.16 6.69 -28.81
CA ASP C 28 6.23 6.51 -29.78
C ASP C 28 7.52 7.13 -29.25
N ILE C 29 8.53 6.30 -29.04
CA ILE C 29 9.87 6.78 -28.66
C ILE C 29 10.87 6.70 -29.81
N GLY C 30 10.38 6.34 -30.99
CA GLY C 30 11.25 6.22 -32.16
C GLY C 30 12.36 5.24 -31.86
N SER C 31 13.59 5.55 -32.27
CA SER C 31 14.70 4.67 -32.01
C SER C 31 15.54 5.09 -30.79
N LYS C 32 15.03 6.02 -29.99
CA LYS C 32 15.80 6.56 -28.87
C LYS C 32 15.63 5.74 -27.60
N LEU C 33 16.35 4.61 -27.56
CA LEU C 33 16.37 3.72 -26.41
C LEU C 33 17.79 3.22 -26.11
N TYR C 34 18.16 3.31 -24.84
CA TYR C 34 19.40 2.70 -24.33
C TYR C 34 19.07 1.43 -23.58
N TRP C 35 19.97 0.46 -23.67
CA TRP C 35 20.01 -0.69 -22.76
C TRP C 35 21.24 -0.57 -21.86
N LEU C 36 20.98 -0.64 -20.57
CA LEU C 36 21.96 -0.52 -19.50
C LEU C 36 22.12 -1.83 -18.73
N GLN C 37 23.35 -2.14 -18.36
CA GLN C 37 23.63 -3.30 -17.52
C GLN C 37 24.11 -2.85 -16.15
N GLN C 38 23.62 -3.50 -15.09
CA GLN C 38 24.11 -3.19 -13.74
C GLN C 38 24.70 -4.40 -13.00
N GLU C 39 25.95 -4.21 -12.55
CA GLU C 39 26.68 -5.21 -11.78
C GLU C 39 26.23 -5.25 -10.32
N PRO C 40 26.46 -6.39 -9.63
CA PRO C 40 26.04 -6.43 -8.22
C PRO C 40 26.65 -5.34 -7.31
N ASP C 41 27.83 -4.80 -7.63
CA ASP C 41 28.39 -3.70 -6.83
C ASP C 41 27.73 -2.33 -7.12
N GLY C 42 26.72 -2.34 -7.99
CA GLY C 42 25.96 -1.14 -8.42
C GLY C 42 26.48 -0.41 -9.66
N THR C 43 27.55 -0.95 -10.26
CA THR C 43 28.19 -0.34 -11.43
C THR C 43 27.30 -0.46 -12.68
N PHE C 44 27.00 0.68 -13.28
CA PHE C 44 26.24 0.76 -14.51
C PHE C 44 27.17 0.83 -15.71
N LYS C 45 26.74 0.24 -16.81
CA LYS C 45 27.45 0.28 -18.09
C LYS C 45 26.39 0.35 -19.19
N ARG C 46 26.67 1.06 -20.28
CA ARG C 46 25.73 1.04 -21.41
C ARG C 46 26.15 -0.02 -22.41
N LEU C 47 25.18 -0.81 -22.87
CA LEU C 47 25.45 -1.86 -23.85
C LEU C 47 25.02 -1.49 -25.26
N ILE C 48 23.86 -0.88 -25.36
CA ILE C 48 23.24 -0.55 -26.63
C ILE C 48 22.71 0.86 -26.60
N TYR C 49 22.95 1.59 -27.68
CA TYR C 49 22.33 2.90 -27.86
C TYR C 49 21.52 2.91 -29.17
N ALA C 50 20.57 3.84 -29.27
CA ALA C 50 19.74 4.01 -30.45
C ALA C 50 19.08 2.69 -30.90
N THR C 51 18.54 1.97 -29.91
CA THR C 51 17.81 0.71 -30.11
C THR C 51 18.65 -0.52 -30.48
N SER C 52 19.62 -0.37 -31.40
CA SER C 52 20.32 -1.56 -31.92
C SER C 52 21.84 -1.45 -32.11
N SER C 53 22.42 -0.32 -31.71
CA SER C 53 23.87 -0.08 -31.87
C SER C 53 24.67 -0.51 -30.65
N LEU C 54 25.64 -1.39 -30.89
CA LEU C 54 26.45 -1.88 -29.80
C LEU C 54 27.56 -0.91 -29.43
N ASP C 55 27.69 -0.68 -28.14
CA ASP C 55 28.81 0.10 -27.62
C ASP C 55 30.13 -0.63 -27.83
N SER C 56 31.20 0.15 -27.95
CA SER C 56 32.54 -0.37 -28.15
C SER C 56 32.85 -1.38 -27.04
N GLY C 57 33.41 -2.52 -27.42
CA GLY C 57 33.81 -3.54 -26.45
C GLY C 57 32.73 -4.39 -25.82
N VAL C 58 31.46 -4.15 -26.15
CA VAL C 58 30.37 -5.04 -25.74
C VAL C 58 30.41 -6.31 -26.62
N PRO C 59 30.44 -7.51 -25.99
CA PRO C 59 30.43 -8.75 -26.78
C PRO C 59 29.27 -8.87 -27.77
N LYS C 60 29.53 -9.54 -28.89
CA LYS C 60 28.59 -9.63 -30.01
C LYS C 60 27.35 -10.49 -29.74
N ARG C 61 27.33 -11.17 -28.59
CA ARG C 61 26.21 -12.02 -28.21
C ARG C 61 24.99 -11.16 -27.82
N PHE C 62 25.26 -9.87 -27.60
CA PHE C 62 24.27 -8.85 -27.29
C PHE C 62 23.77 -8.16 -28.56
N SER C 63 22.45 -8.12 -28.71
CA SER C 63 21.84 -7.32 -29.77
C SER C 63 20.60 -6.64 -29.25
N GLY C 64 20.21 -5.53 -29.87
CA GLY C 64 18.96 -4.84 -29.57
C GLY C 64 18.12 -4.78 -30.84
N SER C 65 16.80 -4.81 -30.69
CA SER C 65 15.87 -4.73 -31.82
C SER C 65 14.58 -4.02 -31.43
N ARG C 66 13.65 -3.93 -32.37
CA ARG C 66 12.39 -3.22 -32.16
C ARG C 66 11.31 -3.75 -33.06
N SER C 67 10.11 -3.91 -32.50
CA SER C 67 8.91 -4.18 -33.29
C SER C 67 7.72 -3.37 -32.77
N GLY C 68 7.30 -2.37 -33.55
CA GLY C 68 6.23 -1.47 -33.14
C GLY C 68 6.70 -0.72 -31.91
N SER C 69 5.94 -0.89 -30.82
CA SER C 69 6.26 -0.24 -29.54
C SER C 69 7.16 -1.09 -28.63
N ASP C 70 7.45 -2.33 -29.03
CA ASP C 70 8.32 -3.20 -28.23
C ASP C 70 9.79 -3.16 -28.65
N TYR C 71 10.67 -2.97 -27.67
CA TYR C 71 12.12 -2.90 -27.85
C TYR C 71 12.76 -4.06 -27.09
N SER C 72 13.63 -4.83 -27.74
CA SER C 72 14.19 -6.01 -27.08
C SER C 72 15.71 -6.01 -27.03
N LEU C 73 16.22 -6.61 -25.96
CA LEU C 73 17.63 -6.90 -25.82
C LEU C 73 17.72 -8.41 -25.85
N THR C 74 18.51 -8.93 -26.78
CA THR C 74 18.68 -10.36 -26.93
C THR C 74 20.11 -10.75 -26.55
N ILE C 75 20.25 -11.83 -25.79
CA ILE C 75 21.56 -12.43 -25.54
C ILE C 75 21.57 -13.80 -26.19
N SER C 76 22.33 -13.93 -27.27
CA SER C 76 22.29 -15.13 -28.11
C SER C 76 22.85 -16.38 -27.44
N SER C 77 23.77 -16.20 -26.49
CA SER C 77 24.40 -17.33 -25.79
C SER C 77 25.00 -16.90 -24.46
N LEU C 78 24.26 -17.14 -23.37
CA LEU C 78 24.62 -16.64 -22.03
C LEU C 78 25.99 -17.10 -21.53
N GLU C 79 26.74 -16.16 -20.96
CA GLU C 79 28.00 -16.44 -20.26
C GLU C 79 27.82 -16.07 -18.77
N SER C 80 28.68 -16.61 -17.92
CA SER C 80 28.48 -16.51 -16.47
C SER C 80 28.37 -15.08 -15.97
N GLU C 81 29.12 -14.18 -16.58
CA GLU C 81 29.06 -12.77 -16.22
C GLU C 81 27.75 -12.07 -16.63
N ASP C 82 26.90 -12.75 -17.41
CA ASP C 82 25.66 -12.16 -17.93
C ASP C 82 24.48 -12.13 -16.97
N PHE C 83 24.60 -12.86 -15.87
CA PHE C 83 23.46 -13.05 -14.97
C PHE C 83 23.43 -11.93 -13.92
N VAL C 84 23.03 -10.77 -14.42
CA VAL C 84 22.98 -9.54 -13.63
C VAL C 84 21.65 -8.84 -13.96
N ASP C 85 21.60 -7.52 -13.78
CA ASP C 85 20.38 -6.73 -14.05
C ASP C 85 20.49 -5.87 -15.30
N TYR C 86 19.35 -5.63 -15.94
CA TYR C 86 19.30 -4.89 -17.20
C TYR C 86 18.14 -3.91 -17.16
N TYR C 87 18.37 -2.70 -17.68
CA TYR C 87 17.34 -1.65 -17.72
C TYR C 87 17.33 -0.93 -19.08
N CYS C 88 16.14 -0.80 -19.65
CA CYS C 88 15.99 0.06 -20.80
C CYS C 88 15.81 1.50 -20.32
N LEU C 89 16.02 2.43 -21.26
CA LEU C 89 15.89 3.84 -20.96
C LEU C 89 15.52 4.55 -22.25
N GLN C 90 14.45 5.35 -22.20
CA GLN C 90 14.06 6.16 -23.34
C GLN C 90 14.53 7.60 -23.15
N TYR C 91 15.02 8.20 -24.22
CA TYR C 91 15.41 9.60 -24.20
C TYR C 91 14.81 10.39 -25.36
N ALA C 92 13.63 9.96 -25.84
CA ALA C 92 12.92 10.67 -26.88
C ALA C 92 12.24 11.94 -26.35
N SER C 93 11.73 11.85 -25.12
CA SER C 93 10.95 12.90 -24.50
C SER C 93 11.27 13.03 -23.02
N SER C 94 11.51 14.27 -22.59
CA SER C 94 11.78 14.58 -21.19
C SER C 94 10.42 14.55 -20.48
N PRO C 95 10.34 13.98 -19.26
CA PRO C 95 11.39 13.35 -18.48
C PRO C 95 11.80 11.97 -19.02
N TYR C 96 13.10 11.72 -19.07
CA TYR C 96 13.57 10.41 -19.49
C TYR C 96 13.18 9.37 -18.45
N THR C 97 12.79 8.19 -18.91
CA THR C 97 12.26 7.16 -18.03
C THR C 97 12.83 5.80 -18.33
N PHE C 98 12.90 4.99 -17.27
CA PHE C 98 13.52 3.68 -17.27
C PHE C 98 12.47 2.59 -17.15
N GLY C 99 12.72 1.44 -17.81
CA GLY C 99 11.99 0.22 -17.49
C GLY C 99 12.32 -0.21 -16.08
N GLY C 100 11.46 -1.02 -15.46
CA GLY C 100 11.64 -1.45 -14.06
C GLY C 100 12.72 -2.49 -13.87
N GLY C 101 13.30 -2.98 -14.97
CA GLY C 101 14.40 -3.95 -14.87
C GLY C 101 14.10 -5.42 -15.03
N THR C 102 15.14 -6.16 -15.39
CA THR C 102 15.13 -7.62 -15.47
C THR C 102 16.41 -8.09 -14.77
N LYS C 103 16.26 -9.05 -13.85
CA LYS C 103 17.38 -9.81 -13.28
C LYS C 103 17.44 -11.21 -13.91
N LEU C 104 18.60 -11.55 -14.47
CA LEU C 104 18.81 -12.87 -15.03
C LEU C 104 19.40 -13.75 -13.95
N ALA C 105 18.77 -14.90 -13.72
CA ALA C 105 19.20 -15.85 -12.71
C ALA C 105 19.52 -17.22 -13.33
N ILE C 106 20.35 -18.03 -12.62
CA ILE C 106 20.81 -19.32 -13.11
C ILE C 106 19.81 -20.49 -12.84
N LYS C 107 19.43 -21.18 -13.92
CA LYS C 107 18.57 -22.34 -13.85
C LYS C 107 19.27 -23.59 -13.25
N ARG C 108 18.53 -24.25 -12.30
CA ARG C 108 19.01 -25.50 -11.69
C ARG C 108 17.84 -26.43 -11.40
N ALA C 109 18.14 -27.65 -10.95
CA ALA C 109 17.12 -28.64 -10.60
C ALA C 109 16.33 -28.15 -9.39
N ASP C 110 15.05 -28.47 -9.37
CA ASP C 110 14.24 -28.14 -8.22
C ASP C 110 14.81 -28.81 -6.97
N ALA C 111 14.65 -28.12 -5.85
CA ALA C 111 15.17 -28.56 -4.55
C ALA C 111 14.22 -28.07 -3.48
N ALA C 112 13.90 -28.97 -2.56
CA ALA C 112 13.02 -28.69 -1.45
C ALA C 112 13.81 -28.01 -0.34
N PRO C 113 13.16 -27.07 0.35
CA PRO C 113 13.83 -26.43 1.48
C PRO C 113 14.11 -27.40 2.61
N THR C 114 15.23 -27.17 3.28
CA THR C 114 15.49 -27.73 4.59
C THR C 114 14.93 -26.72 5.59
N VAL C 115 13.90 -27.13 6.32
CA VAL C 115 13.17 -26.24 7.22
C VAL C 115 13.59 -26.48 8.67
N SER C 116 13.85 -25.41 9.41
CA SER C 116 14.21 -25.53 10.81
C SER C 116 13.51 -24.46 11.66
N ILE C 117 13.01 -24.89 12.83
CA ILE C 117 12.31 -23.99 13.76
C ILE C 117 13.09 -23.88 15.07
N PHE C 118 13.05 -22.69 15.64
CA PHE C 118 13.83 -22.34 16.83
C PHE C 118 12.94 -21.60 17.85
N PRO C 119 12.86 -22.15 19.08
CA PRO C 119 12.21 -21.46 20.19
C PRO C 119 13.00 -20.20 20.54
N PRO C 120 12.35 -19.23 21.19
CA PRO C 120 13.03 -18.05 21.69
C PRO C 120 14.10 -18.46 22.70
N SER C 121 15.20 -17.69 22.72
CA SER C 121 16.28 -17.97 23.64
C SER C 121 15.87 -17.54 25.03
N SER C 122 16.55 -18.09 26.03
CA SER C 122 16.27 -17.69 27.39
C SER C 122 16.78 -16.28 27.65
N GLU C 123 17.85 -15.86 26.98
N GLU C 123 17.86 -15.89 26.98
CA GLU C 123 18.32 -14.49 27.09
CA GLU C 123 18.35 -14.52 27.04
C GLU C 123 17.24 -13.49 26.63
C GLU C 123 17.24 -13.52 26.65
N GLN C 124 16.63 -13.74 25.48
CA GLN C 124 15.54 -12.88 25.00
C GLN C 124 14.32 -12.90 25.93
N LEU C 125 13.86 -14.09 26.30
CA LEU C 125 12.75 -14.22 27.27
C LEU C 125 12.93 -13.33 28.50
N THR C 126 14.12 -13.42 29.11
CA THR C 126 14.52 -12.60 30.26
C THR C 126 14.33 -11.10 29.99
N SER C 127 14.61 -10.65 28.78
CA SER C 127 14.38 -9.25 28.39
C SER C 127 12.90 -8.91 28.08
N GLY C 128 12.01 -9.89 28.18
CA GLY C 128 10.58 -9.66 27.96
C GLY C 128 10.04 -9.98 26.57
N GLY C 129 10.89 -10.52 25.71
CA GLY C 129 10.55 -10.78 24.30
C GLY C 129 10.64 -12.25 23.90
N ALA C 130 10.00 -12.59 22.79
CA ALA C 130 9.94 -13.97 22.28
C ALA C 130 9.84 -14.04 20.76
N SER C 131 10.98 -14.19 20.09
CA SER C 131 11.03 -14.37 18.63
C SER C 131 11.16 -15.83 18.31
N VAL C 132 10.26 -16.33 17.45
CA VAL C 132 10.36 -17.69 16.96
C VAL C 132 10.81 -17.61 15.50
N VAL C 133 11.89 -18.32 15.19
CA VAL C 133 12.55 -18.22 13.88
C VAL C 133 12.45 -19.53 13.09
N CYS C 134 12.12 -19.42 11.81
N CYS C 134 12.03 -19.44 11.83
CA CYS C 134 12.08 -20.55 10.90
CA CYS C 134 12.16 -20.55 10.91
C CYS C 134 12.98 -20.31 9.68
C CYS C 134 13.09 -20.23 9.76
N PHE C 135 13.96 -21.19 9.47
CA PHE C 135 14.81 -21.11 8.29
C PHE C 135 14.23 -22.04 7.25
N LEU C 136 14.18 -21.57 6.01
CA LEU C 136 13.79 -22.38 4.86
C LEU C 136 14.94 -22.30 3.86
N ASN C 137 15.82 -23.29 3.87
CA ASN C 137 17.13 -23.11 3.27
C ASN C 137 17.34 -23.96 2.04
N ASN C 138 18.08 -23.39 1.09
CA ASN C 138 18.58 -24.05 -0.11
C ASN C 138 17.50 -24.73 -0.98
N PHE C 139 16.52 -23.92 -1.38
CA PHE C 139 15.46 -24.38 -2.27
C PHE C 139 15.55 -23.73 -3.67
N TYR C 140 14.90 -24.39 -4.62
CA TYR C 140 14.75 -23.92 -5.98
C TYR C 140 13.46 -24.53 -6.53
N PRO C 141 12.61 -23.74 -7.22
CA PRO C 141 12.73 -22.32 -7.57
C PRO C 141 12.51 -21.31 -6.44
N LYS C 142 12.68 -20.03 -6.75
CA LYS C 142 12.69 -18.94 -5.78
C LYS C 142 11.38 -18.72 -5.00
N ASP C 143 10.24 -19.02 -5.61
CA ASP C 143 8.93 -18.78 -4.97
C ASP C 143 8.63 -19.80 -3.86
N ILE C 144 8.12 -19.28 -2.74
CA ILE C 144 7.87 -20.06 -1.54
C ILE C 144 6.88 -19.30 -0.63
N ASN C 145 6.05 -20.04 0.11
CA ASN C 145 5.17 -19.42 1.11
C ASN C 145 5.32 -20.10 2.47
N VAL C 146 5.26 -19.28 3.51
CA VAL C 146 5.39 -19.79 4.87
C VAL C 146 4.14 -19.40 5.63
N LYS C 147 3.65 -20.35 6.43
CA LYS C 147 2.53 -20.08 7.32
C LYS C 147 2.93 -20.42 8.75
N TRP C 148 2.61 -19.51 9.67
CA TRP C 148 2.79 -19.77 11.09
C TRP C 148 1.48 -20.20 11.71
N LYS C 149 1.54 -21.14 12.64
CA LYS C 149 0.38 -21.56 13.44
C LYS C 149 0.76 -21.61 14.92
N ILE C 150 -0.16 -21.13 15.76
CA ILE C 150 0.00 -21.14 17.20
C ILE C 150 -1.19 -21.90 17.76
N ASP C 151 -0.90 -22.99 18.47
CA ASP C 151 -1.93 -23.92 18.96
C ASP C 151 -2.93 -24.27 17.86
N GLY C 152 -2.39 -24.41 16.64
CA GLY C 152 -3.16 -24.85 15.51
C GLY C 152 -3.91 -23.75 14.80
N SER C 153 -3.83 -22.52 15.34
CA SER C 153 -4.47 -21.39 14.69
C SER C 153 -3.46 -20.55 13.89
N GLU C 154 -3.79 -20.26 12.63
CA GLU C 154 -2.96 -19.45 11.74
C GLU C 154 -2.70 -18.07 12.32
N ARG C 155 -1.43 -17.67 12.27
CA ARG C 155 -0.97 -16.39 12.76
C ARG C 155 -0.28 -15.63 11.63
N GLN C 156 -0.73 -14.39 11.40
CA GLN C 156 -0.12 -13.52 10.39
C GLN C 156 0.61 -12.34 11.01
N ASN C 157 0.12 -11.84 12.15
CA ASN C 157 0.68 -10.66 12.79
C ASN C 157 1.99 -10.95 13.48
N GLY C 158 2.97 -10.05 13.27
CA GLY C 158 4.23 -10.08 13.98
C GLY C 158 5.24 -10.94 13.26
N VAL C 159 4.92 -11.29 12.03
CA VAL C 159 5.81 -12.11 11.18
C VAL C 159 6.57 -11.24 10.21
N LEU C 160 7.88 -11.42 10.18
CA LEU C 160 8.76 -10.73 9.24
C LEU C 160 9.61 -11.73 8.48
N ASN C 161 9.64 -11.57 7.15
CA ASN C 161 10.37 -12.44 6.24
C ASN C 161 11.55 -11.75 5.58
N SER C 162 12.55 -12.56 5.21
CA SER C 162 13.74 -12.07 4.55
C SER C 162 14.27 -13.17 3.64
N TRP C 163 14.63 -12.79 2.42
CA TRP C 163 15.04 -13.73 1.39
C TRP C 163 16.46 -13.41 0.92
N THR C 164 17.34 -14.41 0.89
CA THR C 164 18.66 -14.20 0.32
C THR C 164 18.57 -14.07 -1.20
N ASP C 165 19.64 -13.54 -1.79
CA ASP C 165 19.87 -13.57 -3.22
C ASP C 165 20.32 -14.96 -3.58
N GLN C 166 20.25 -15.32 -4.85
CA GLN C 166 20.65 -16.66 -5.31
C GLN C 166 22.09 -17.00 -4.88
N ASP C 167 22.27 -18.19 -4.30
CA ASP C 167 23.58 -18.65 -3.86
C ASP C 167 24.53 -18.70 -5.03
N SER C 168 25.72 -18.11 -4.86
CA SER C 168 26.69 -18.00 -5.98
C SER C 168 27.24 -19.36 -6.36
N LYS C 169 27.35 -20.24 -5.37
CA LYS C 169 27.88 -21.60 -5.50
C LYS C 169 26.85 -22.68 -5.90
N ASP C 170 25.72 -22.78 -5.20
CA ASP C 170 24.77 -23.85 -5.53
C ASP C 170 23.47 -23.37 -6.23
N SER C 171 23.36 -22.05 -6.45
CA SER C 171 22.22 -21.45 -7.17
C SER C 171 20.85 -21.62 -6.50
N THR C 172 20.85 -21.96 -5.22
CA THR C 172 19.60 -22.03 -4.50
C THR C 172 19.28 -20.68 -3.86
N TYR C 173 18.07 -20.59 -3.30
CA TYR C 173 17.58 -19.48 -2.53
C TYR C 173 17.26 -19.98 -1.11
N SER C 174 17.30 -19.05 -0.14
CA SER C 174 16.92 -19.31 1.24
C SER C 174 15.98 -18.21 1.74
N MET C 175 15.20 -18.56 2.75
CA MET C 175 14.29 -17.64 3.41
C MET C 175 14.37 -17.79 4.93
N SER C 176 14.26 -16.69 5.66
CA SER C 176 14.01 -16.76 7.09
C SER C 176 12.70 -16.07 7.42
N SER C 177 12.00 -16.64 8.39
CA SER C 177 10.76 -16.07 8.87
C SER C 177 10.81 -15.99 10.39
N THR C 178 10.49 -14.82 10.92
CA THR C 178 10.52 -14.59 12.37
C THR C 178 9.19 -14.08 12.88
N LEU C 179 8.60 -14.84 13.79
CA LEU C 179 7.41 -14.43 14.52
C LEU C 179 7.78 -13.87 15.91
N THR C 180 7.49 -12.59 16.13
CA THR C 180 7.84 -11.97 17.41
C THR C 180 6.58 -11.67 18.24
N LEU C 181 6.64 -12.14 19.48
CA LEU C 181 5.59 -11.88 20.45
C LEU C 181 6.24 -11.30 21.68
N THR C 182 5.43 -10.83 22.62
CA THR C 182 5.93 -10.54 23.95
C THR C 182 6.12 -11.89 24.66
N LYS C 183 6.94 -11.88 25.71
CA LYS C 183 7.15 -13.04 26.55
C LYS C 183 5.81 -13.58 27.03
N ASP C 184 5.03 -12.67 27.61
CA ASP C 184 3.71 -12.95 28.12
C ASP C 184 2.76 -13.68 27.18
N GLU C 185 2.71 -13.29 25.91
N GLU C 185 2.70 -13.25 25.92
CA GLU C 185 1.80 -13.94 24.95
CA GLU C 185 1.85 -13.90 24.92
C GLU C 185 2.40 -15.25 24.39
C GLU C 185 2.41 -15.29 24.58
N TYR C 186 3.73 -15.34 24.40
CA TYR C 186 4.40 -16.58 24.05
C TYR C 186 4.07 -17.71 25.07
N GLU C 187 3.99 -17.32 26.33
CA GLU C 187 3.82 -18.26 27.43
C GLU C 187 2.38 -18.68 27.64
N ARG C 188 1.47 -18.09 26.87
CA ARG C 188 0.05 -18.41 26.94
C ARG C 188 -0.32 -19.58 26.03
N HIS C 189 0.60 -19.92 25.13
CA HIS C 189 0.39 -20.95 24.13
C HIS C 189 1.48 -21.99 24.20
N ASN C 190 1.29 -23.10 23.47
N ASN C 190 1.29 -23.11 23.50
CA ASN C 190 2.15 -24.27 23.62
CA ASN C 190 2.25 -24.22 23.58
C ASN C 190 2.79 -24.80 22.33
C ASN C 190 2.84 -24.72 22.28
N SER C 191 2.04 -24.88 21.25
CA SER C 191 2.58 -25.36 19.96
C SER C 191 2.81 -24.27 18.91
N TYR C 192 4.05 -24.19 18.48
CA TYR C 192 4.50 -23.24 17.48
C TYR C 192 4.93 -23.99 16.24
N THR C 193 4.28 -23.68 15.13
CA THR C 193 4.41 -24.42 13.90
C THR C 193 4.80 -23.47 12.75
N CYS C 194 5.74 -23.92 11.92
N CYS C 194 5.76 -23.88 11.92
CA CYS C 194 6.14 -23.23 10.69
CA CYS C 194 5.97 -23.15 10.68
C CYS C 194 5.88 -24.15 9.49
C CYS C 194 5.89 -24.10 9.51
N GLU C 195 5.03 -23.70 8.57
CA GLU C 195 4.63 -24.54 7.46
C GLU C 195 5.17 -23.94 6.16
N ALA C 196 5.88 -24.75 5.40
CA ALA C 196 6.50 -24.31 4.16
C ALA C 196 5.92 -25.07 2.94
N THR C 197 5.26 -24.33 2.06
CA THR C 197 4.73 -24.87 0.82
C THR C 197 5.53 -24.37 -0.39
N HIS C 198 6.08 -25.31 -1.14
CA HIS C 198 7.01 -25.05 -2.23
C HIS C 198 6.62 -25.96 -3.38
N LYS C 199 6.96 -25.54 -4.60
CA LYS C 199 6.62 -26.26 -5.83
C LYS C 199 7.02 -27.75 -5.83
N THR C 200 8.04 -28.08 -5.03
CA THR C 200 8.55 -29.45 -4.88
C THR C 200 7.65 -30.44 -4.11
N SER C 201 6.50 -29.98 -3.61
CA SER C 201 5.46 -30.89 -3.12
C SER C 201 4.11 -30.22 -2.87
N THR C 202 3.04 -30.95 -3.19
CA THR C 202 1.67 -30.54 -2.81
C THR C 202 1.53 -30.50 -1.28
N SER C 203 2.28 -31.36 -0.60
CA SER C 203 2.27 -31.44 0.84
C SER C 203 3.28 -30.46 1.43
N PRO C 204 2.81 -29.52 2.26
CA PRO C 204 3.69 -28.60 2.98
C PRO C 204 4.63 -29.31 3.96
N ILE C 205 5.82 -28.75 4.14
CA ILE C 205 6.77 -29.21 5.13
C ILE C 205 6.46 -28.49 6.45
N VAL C 206 6.16 -29.28 7.48
CA VAL C 206 5.71 -28.78 8.77
C VAL C 206 6.77 -29.04 9.84
N LYS C 207 7.20 -27.99 10.52
CA LYS C 207 8.09 -28.12 11.67
C LYS C 207 7.43 -27.41 12.84
N SER C 208 7.39 -28.10 13.96
CA SER C 208 6.93 -27.46 15.18
C SER C 208 7.84 -27.72 16.37
N PHE C 209 7.56 -26.97 17.43
CA PHE C 209 8.04 -27.34 18.74
C PHE C 209 6.91 -27.01 19.71
N ASN C 210 6.94 -27.67 20.86
CA ASN C 210 6.07 -27.32 21.98
C ASN C 210 6.90 -26.56 23.00
N ARG C 211 6.32 -25.49 23.53
CA ARG C 211 6.94 -24.61 24.53
C ARG C 211 7.73 -25.34 25.62
N ASN C 212 7.18 -26.41 26.18
CA ASN C 212 7.85 -27.04 27.33
C ASN C 212 8.65 -28.32 27.05
N GLU C 213 8.97 -28.58 25.77
CA GLU C 213 9.54 -29.87 25.40
C GLU C 213 10.99 -29.75 24.96
N CYS C 214 11.71 -30.86 25.06
CA CYS C 214 13.10 -30.94 24.61
C CYS C 214 13.39 -32.29 23.94
N ASP D 1 -36.01 3.42 23.69
CA ASP D 1 -34.67 2.96 23.22
C ASP D 1 -33.55 3.68 23.95
N ILE D 2 -32.57 2.90 24.40
CA ILE D 2 -31.38 3.47 24.99
C ILE D 2 -30.58 4.14 23.88
N GLN D 3 -30.32 5.43 24.04
CA GLN D 3 -29.51 6.16 23.07
C GLN D 3 -28.06 6.14 23.57
N MET D 4 -27.18 5.66 22.69
CA MET D 4 -25.74 5.68 22.92
C MET D 4 -25.15 6.84 22.12
N THR D 5 -24.66 7.85 22.84
CA THR D 5 -24.13 9.05 22.20
C THR D 5 -22.60 8.96 22.07
N GLN D 6 -22.14 8.73 20.84
CA GLN D 6 -20.73 8.54 20.57
C GLN D 6 -20.06 9.84 20.14
N SER D 7 -18.97 10.17 20.84
CA SER D 7 -18.19 11.37 20.57
C SER D 7 -16.66 11.12 20.70
N PRO D 8 -15.85 11.82 19.88
CA PRO D 8 -16.29 12.66 18.76
C PRO D 8 -16.68 11.77 17.58
N SER D 9 -17.45 12.29 16.64
CA SER D 9 -17.81 11.49 15.47
C SER D 9 -16.62 11.30 14.53
N SER D 10 -15.59 12.13 14.71
CA SER D 10 -14.40 12.13 13.88
C SER D 10 -13.21 12.66 14.68
N LEU D 11 -12.01 12.14 14.43
CA LEU D 11 -10.83 12.58 15.18
C LEU D 11 -9.53 12.51 14.38
N SER D 12 -8.78 13.59 14.41
CA SER D 12 -7.45 13.66 13.80
C SER D 12 -6.39 13.48 14.88
N ALA D 13 -5.44 12.59 14.59
CA ALA D 13 -4.33 12.31 15.49
C ALA D 13 -3.16 11.79 14.66
N SER D 14 -1.98 11.71 15.27
CA SER D 14 -0.79 11.24 14.58
C SER D 14 -0.31 9.89 15.13
N LEU D 15 0.58 9.23 14.39
CA LEU D 15 1.18 7.97 14.84
C LEU D 15 1.81 8.20 16.20
N GLY D 16 1.60 7.24 17.10
CA GLY D 16 2.17 7.27 18.44
C GLY D 16 1.41 8.08 19.48
N GLU D 17 0.30 8.70 19.10
CA GLU D 17 -0.51 9.44 20.04
C GLU D 17 -1.55 8.59 20.77
N ARG D 18 -1.91 9.05 21.95
CA ARG D 18 -2.91 8.41 22.77
C ARG D 18 -4.24 9.15 22.57
N VAL D 19 -5.28 8.39 22.28
CA VAL D 19 -6.61 8.95 22.07
C VAL D 19 -7.72 8.14 22.75
N SER D 20 -8.84 8.81 23.03
CA SER D 20 -9.97 8.19 23.69
C SER D 20 -11.25 8.53 22.96
N LEU D 21 -12.11 7.55 22.76
CA LEU D 21 -13.44 7.84 22.25
C LEU D 21 -14.44 7.43 23.32
N THR D 22 -15.58 8.11 23.35
CA THR D 22 -16.57 7.97 24.42
C THR D 22 -17.98 7.67 23.92
N CYS D 23 -18.69 6.83 24.67
CA CYS D 23 -20.13 6.63 24.51
C CYS D 23 -20.79 6.90 25.84
N ARG D 24 -21.80 7.77 25.80
CA ARG D 24 -22.60 8.09 26.96
C ARG D 24 -23.95 7.43 26.79
N ALA D 25 -24.35 6.68 27.80
CA ALA D 25 -25.61 5.94 27.83
C ALA D 25 -26.73 6.78 28.42
N SER D 26 -27.87 6.87 27.71
CA SER D 26 -29.01 7.64 28.20
C SER D 26 -29.76 6.96 29.37
N GLN D 27 -29.47 5.67 29.56
CA GLN D 27 -30.00 4.88 30.66
C GLN D 27 -28.90 3.97 31.19
N ASP D 28 -29.06 3.45 32.40
CA ASP D 28 -28.08 2.53 32.97
C ASP D 28 -27.90 1.32 32.05
N ILE D 29 -26.66 1.11 31.61
CA ILE D 29 -26.32 -0.09 30.83
C ILE D 29 -25.37 -1.01 31.59
N GLY D 30 -25.09 -0.66 32.85
CA GLY D 30 -24.13 -1.40 33.69
C GLY D 30 -22.80 -1.57 32.95
N SER D 31 -22.32 -2.81 32.87
CA SER D 31 -21.06 -3.05 32.18
C SER D 31 -21.23 -3.67 30.78
N LYS D 32 -22.45 -3.62 30.26
CA LYS D 32 -22.80 -4.30 29.00
C LYS D 32 -22.61 -3.46 27.74
N LEU D 33 -21.33 -3.26 27.39
CA LEU D 33 -20.95 -2.53 26.20
C LEU D 33 -19.85 -3.28 25.47
N TYR D 34 -19.98 -3.36 24.15
CA TYR D 34 -18.94 -3.83 23.21
C TYR D 34 -18.30 -2.65 22.52
N TRP D 35 -17.01 -2.75 22.20
CA TRP D 35 -16.44 -1.85 21.19
C TRP D 35 -16.13 -2.64 19.92
N LEU D 36 -16.62 -2.13 18.79
CA LEU D 36 -16.42 -2.74 17.49
C LEU D 36 -15.56 -1.86 16.58
N GLN D 37 -14.79 -2.51 15.74
CA GLN D 37 -13.97 -1.83 14.75
C GLN D 37 -14.39 -2.32 13.37
N GLN D 38 -14.55 -1.37 12.44
CA GLN D 38 -14.89 -1.67 11.06
C GLN D 38 -13.79 -1.25 10.08
N GLU D 39 -13.36 -2.19 9.26
CA GLU D 39 -12.35 -1.93 8.25
C GLU D 39 -12.95 -1.27 7.03
N PRO D 40 -12.12 -0.63 6.18
CA PRO D 40 -12.64 0.04 4.98
C PRO D 40 -13.44 -0.88 4.04
N ASP D 41 -13.15 -2.18 4.06
CA ASP D 41 -13.91 -3.11 3.22
C ASP D 41 -15.24 -3.52 3.87
N GLY D 42 -15.49 -3.08 5.10
CA GLY D 42 -16.76 -3.32 5.78
C GLY D 42 -16.68 -4.34 6.90
N THR D 43 -15.57 -5.10 6.93
CA THR D 43 -15.32 -6.14 7.92
C THR D 43 -15.44 -5.60 9.34
N PHE D 44 -16.31 -6.21 10.14
CA PHE D 44 -16.43 -5.87 11.55
C PHE D 44 -15.57 -6.81 12.42
N LYS D 45 -15.09 -6.28 13.53
CA LYS D 45 -14.28 -7.01 14.49
C LYS D 45 -14.64 -6.48 15.88
N ARG D 46 -14.78 -7.36 16.87
CA ARG D 46 -15.02 -6.87 18.23
C ARG D 46 -13.69 -6.70 18.96
N LEU D 47 -13.51 -5.57 19.62
CA LEU D 47 -12.26 -5.34 20.35
C LEU D 47 -12.39 -5.45 21.88
N ILE D 48 -13.56 -5.10 22.42
CA ILE D 48 -13.76 -5.05 23.84
C ILE D 48 -15.13 -5.63 24.12
N TYR D 49 -15.23 -6.52 25.11
CA TYR D 49 -16.53 -6.96 25.61
C TYR D 49 -16.63 -6.60 27.08
N ALA D 50 -17.84 -6.47 27.59
CA ALA D 50 -18.10 -6.16 29.01
C ALA D 50 -17.36 -4.92 29.48
N THR D 51 -17.39 -3.88 28.66
CA THR D 51 -16.79 -2.59 28.99
C THR D 51 -15.26 -2.55 28.94
N SER D 52 -14.60 -3.53 29.57
CA SER D 52 -13.15 -3.44 29.78
C SER D 52 -12.31 -4.65 29.33
N SER D 53 -12.96 -5.74 28.95
CA SER D 53 -12.25 -6.96 28.63
C SER D 53 -11.82 -7.01 27.16
N LEU D 54 -10.51 -7.08 26.95
CA LEU D 54 -9.91 -7.16 25.63
C LEU D 54 -10.11 -8.55 25.03
N ASP D 55 -10.58 -8.60 23.77
CA ASP D 55 -10.63 -9.88 23.05
C ASP D 55 -9.23 -10.37 22.76
N SER D 56 -9.06 -11.69 22.74
CA SER D 56 -7.82 -12.31 22.31
C SER D 56 -7.39 -11.79 20.95
N GLY D 57 -6.08 -11.60 20.79
CA GLY D 57 -5.55 -11.09 19.53
C GLY D 57 -5.50 -9.57 19.43
N VAL D 58 -6.33 -8.87 20.20
CA VAL D 58 -6.34 -7.41 20.12
C VAL D 58 -5.07 -6.81 20.75
N PRO D 59 -4.38 -5.93 20.00
CA PRO D 59 -3.15 -5.36 20.57
C PRO D 59 -3.44 -4.65 21.89
N LYS D 60 -2.51 -4.81 22.81
CA LYS D 60 -2.61 -4.30 24.18
C LYS D 60 -2.68 -2.77 24.33
N ARG D 61 -2.47 -2.07 23.23
CA ARG D 61 -2.59 -0.60 23.21
C ARG D 61 -4.07 -0.17 23.32
N PHE D 62 -4.97 -1.14 23.14
CA PHE D 62 -6.41 -0.91 23.27
C PHE D 62 -6.89 -1.17 24.70
N SER D 63 -7.63 -0.23 25.27
CA SER D 63 -8.27 -0.49 26.55
C SER D 63 -9.65 0.15 26.61
N GLY D 64 -10.52 -0.44 27.45
CA GLY D 64 -11.84 0.11 27.75
C GLY D 64 -12.01 0.42 29.23
N SER D 65 -12.75 1.48 29.52
CA SER D 65 -13.01 1.89 30.89
C SER D 65 -14.37 2.59 30.99
N ARG D 66 -14.86 2.70 32.22
CA ARG D 66 -16.12 3.38 32.48
C ARG D 66 -15.93 4.36 33.62
N SER D 67 -16.52 5.55 33.46
CA SER D 67 -16.64 6.53 34.53
C SER D 67 -18.00 7.19 34.44
N GLY D 68 -18.79 7.04 35.51
CA GLY D 68 -20.19 7.44 35.50
C GLY D 68 -20.90 6.74 34.36
N SER D 69 -21.54 7.52 33.48
CA SER D 69 -22.21 6.97 32.31
C SER D 69 -21.36 7.10 31.04
N ASP D 70 -20.09 7.40 31.21
CA ASP D 70 -19.13 7.46 30.10
C ASP D 70 -18.26 6.22 30.03
N TYR D 71 -18.39 5.55 28.88
CA TYR D 71 -17.66 4.36 28.51
C TYR D 71 -16.64 4.81 27.48
N SER D 72 -15.35 4.54 27.75
CA SER D 72 -14.29 4.98 26.87
C SER D 72 -13.47 3.82 26.27
N LEU D 73 -13.10 3.98 25.00
CA LEU D 73 -12.09 3.18 24.33
C LEU D 73 -10.81 4.00 24.16
N THR D 74 -9.68 3.48 24.61
CA THR D 74 -8.44 4.25 24.58
C THR D 74 -7.37 3.51 23.80
N ILE D 75 -6.76 4.19 22.83
CA ILE D 75 -5.64 3.61 22.08
C ILE D 75 -4.40 4.36 22.52
N SER D 76 -3.55 3.67 23.27
CA SER D 76 -2.46 4.31 24.00
C SER D 76 -1.36 4.88 23.09
N SER D 77 -1.24 4.32 21.89
CA SER D 77 -0.16 4.66 20.98
C SER D 77 -0.54 4.21 19.58
N LEU D 78 -1.12 5.15 18.83
CA LEU D 78 -1.70 4.87 17.53
C LEU D 78 -0.74 4.28 16.49
N GLU D 79 -1.25 3.31 15.76
CA GLU D 79 -0.53 2.71 14.66
C GLU D 79 -1.34 3.03 13.40
N SER D 80 -0.74 2.83 12.23
CA SER D 80 -1.39 3.20 10.96
C SER D 80 -2.66 2.39 10.68
N GLU D 81 -2.70 1.15 11.15
CA GLU D 81 -3.89 0.30 10.97
C GLU D 81 -5.08 0.71 11.84
N ASP D 82 -4.86 1.58 12.82
CA ASP D 82 -5.91 2.02 13.73
C ASP D 82 -6.80 3.12 13.18
N PHE D 83 -6.40 3.74 12.07
CA PHE D 83 -7.12 4.91 11.50
C PHE D 83 -8.33 4.49 10.67
N VAL D 84 -9.29 3.90 11.38
CA VAL D 84 -10.49 3.33 10.79
C VAL D 84 -11.70 3.78 11.63
N ASP D 85 -12.81 3.05 11.56
CA ASP D 85 -14.04 3.37 12.27
C ASP D 85 -14.30 2.47 13.48
N TYR D 86 -14.94 3.03 14.49
CA TYR D 86 -15.17 2.38 15.80
C TYR D 86 -16.62 2.61 16.20
N TYR D 87 -17.25 1.57 16.76
CA TYR D 87 -18.65 1.67 17.24
C TYR D 87 -18.82 1.00 18.57
N CYS D 88 -19.46 1.72 19.49
CA CYS D 88 -19.91 1.12 20.72
C CYS D 88 -21.29 0.49 20.48
N LEU D 89 -21.59 -0.55 21.25
CA LEU D 89 -22.91 -1.15 21.24
C LEU D 89 -23.32 -1.61 22.66
N GLN D 90 -24.53 -1.23 23.07
CA GLN D 90 -25.08 -1.67 24.35
C GLN D 90 -25.97 -2.92 24.21
N TYR D 91 -25.75 -3.90 25.08
CA TYR D 91 -26.60 -5.11 25.08
C TYR D 91 -27.33 -5.29 26.41
N ALA D 92 -27.50 -4.19 27.15
CA ALA D 92 -28.19 -4.22 28.44
C ALA D 92 -29.72 -4.41 28.29
N SER D 93 -30.27 -3.82 27.24
CA SER D 93 -31.70 -3.83 27.05
C SER D 93 -32.02 -3.85 25.55
N SER D 94 -32.93 -4.75 25.20
CA SER D 94 -33.46 -4.89 23.86
C SER D 94 -34.43 -3.71 23.68
N PRO D 95 -34.38 -3.00 22.53
CA PRO D 95 -33.52 -3.18 21.36
C PRO D 95 -32.06 -2.78 21.59
N TYR D 96 -31.14 -3.67 21.23
CA TYR D 96 -29.73 -3.38 21.39
C TYR D 96 -29.38 -2.21 20.48
N THR D 97 -28.59 -1.26 20.97
CA THR D 97 -28.34 -0.05 20.22
C THR D 97 -26.85 0.30 20.09
N PHE D 98 -26.53 1.00 19.01
CA PHE D 98 -25.16 1.31 18.62
C PHE D 98 -24.90 2.81 18.74
N GLY D 99 -23.68 3.19 19.12
CA GLY D 99 -23.23 4.59 19.00
C GLY D 99 -23.18 4.97 17.53
N GLY D 100 -23.11 6.26 17.21
CA GLY D 100 -23.07 6.74 15.81
C GLY D 100 -21.74 6.62 15.08
N GLY D 101 -20.71 6.18 15.78
CA GLY D 101 -19.41 5.96 15.18
C GLY D 101 -18.40 7.09 15.32
N THR D 102 -17.15 6.69 15.30
CA THR D 102 -16.02 7.59 15.28
C THR D 102 -15.13 7.17 14.13
N LYS D 103 -14.84 8.10 13.24
CA LYS D 103 -13.79 7.90 12.26
C LYS D 103 -12.50 8.49 12.81
N LEU D 104 -11.45 7.70 12.80
CA LEU D 104 -10.14 8.16 13.24
C LEU D 104 -9.32 8.48 12.01
N ALA D 105 -8.83 9.72 11.96
CA ALA D 105 -8.18 10.23 10.76
C ALA D 105 -6.76 10.70 11.09
N ILE D 106 -5.88 10.66 10.07
CA ILE D 106 -4.48 11.07 10.22
C ILE D 106 -4.34 12.60 10.20
N LYS D 107 -3.62 13.12 11.18
CA LYS D 107 -3.30 14.56 11.27
C LYS D 107 -2.18 14.98 10.31
N ARG D 108 -2.34 16.16 9.74
CA ARG D 108 -1.31 16.73 8.88
C ARG D 108 -1.32 18.25 8.97
N ALA D 109 -0.41 18.86 8.19
CA ALA D 109 -0.34 20.31 8.10
C ALA D 109 -1.50 20.85 7.26
N ASP D 110 -2.00 22.02 7.66
CA ASP D 110 -3.00 22.75 6.88
C ASP D 110 -2.59 22.95 5.42
N ALA D 111 -3.58 22.90 4.54
CA ALA D 111 -3.36 23.09 3.11
C ALA D 111 -4.59 23.72 2.49
N ALA D 112 -4.36 24.77 1.71
CA ALA D 112 -5.41 25.43 0.96
C ALA D 112 -5.88 24.53 -0.18
N PRO D 113 -7.16 24.64 -0.57
CA PRO D 113 -7.58 23.84 -1.75
C PRO D 113 -7.00 24.37 -3.06
N THR D 114 -6.70 23.46 -3.97
CA THR D 114 -6.37 23.82 -5.35
C THR D 114 -7.69 23.78 -6.12
N VAL D 115 -8.14 24.96 -6.55
CA VAL D 115 -9.49 25.11 -7.11
C VAL D 115 -9.45 25.25 -8.62
N SER D 116 -10.34 24.53 -9.28
CA SER D 116 -10.40 24.47 -10.74
C SER D 116 -11.87 24.44 -11.14
N ILE D 117 -12.22 25.31 -12.10
CA ILE D 117 -13.57 25.45 -12.63
C ILE D 117 -13.51 25.07 -14.10
N PHE D 118 -14.61 24.53 -14.62
CA PHE D 118 -14.68 24.01 -15.99
C PHE D 118 -16.03 24.32 -16.60
N PRO D 119 -16.01 25.03 -17.74
CA PRO D 119 -17.23 25.25 -18.50
C PRO D 119 -17.79 23.92 -19.04
N PRO D 120 -19.10 23.88 -19.32
CA PRO D 120 -19.63 22.66 -19.94
C PRO D 120 -18.86 22.33 -21.21
N SER D 121 -18.69 21.04 -21.52
CA SER D 121 -18.06 20.66 -22.78
C SER D 121 -19.02 21.00 -23.90
N SER D 122 -18.49 21.36 -25.06
CA SER D 122 -19.32 21.49 -26.25
C SER D 122 -20.09 20.19 -26.58
N GLU D 123 -19.54 19.04 -26.23
CA GLU D 123 -20.24 17.77 -26.48
C GLU D 123 -21.50 17.60 -25.60
N GLN D 124 -21.46 18.09 -24.36
CA GLN D 124 -22.67 18.09 -23.52
C GLN D 124 -23.71 19.07 -24.04
N LEU D 125 -23.28 20.27 -24.38
CA LEU D 125 -24.17 21.30 -24.92
C LEU D 125 -24.96 20.78 -26.11
N THR D 126 -24.27 20.03 -26.97
CA THR D 126 -24.89 19.35 -28.10
C THR D 126 -26.08 18.49 -27.67
N SER D 127 -26.00 17.91 -26.47
CA SER D 127 -27.06 17.07 -25.93
C SER D 127 -28.21 17.84 -25.28
N GLY D 128 -28.04 19.13 -25.04
CA GLY D 128 -29.10 19.96 -24.47
C GLY D 128 -28.94 20.29 -23.00
N GLY D 129 -27.84 19.83 -22.41
CA GLY D 129 -27.54 20.06 -21.00
C GLY D 129 -26.26 20.84 -20.79
N ALA D 130 -26.11 21.47 -19.62
CA ALA D 130 -24.88 22.21 -19.28
C ALA D 130 -24.46 22.02 -17.83
N SER D 131 -23.41 21.25 -17.61
CA SER D 131 -22.85 21.09 -16.27
C SER D 131 -21.58 21.91 -16.09
N VAL D 132 -21.52 22.65 -15.00
CA VAL D 132 -20.36 23.41 -14.63
C VAL D 132 -19.78 22.68 -13.42
N VAL D 133 -18.52 22.29 -13.53
CA VAL D 133 -17.82 21.50 -12.52
C VAL D 133 -16.71 22.34 -11.89
N CYS D 134 -16.63 22.25 -10.58
CA CYS D 134 -15.59 22.87 -9.82
C CYS D 134 -14.95 21.83 -8.90
N PHE D 135 -13.61 21.66 -9.00
CA PHE D 135 -12.85 20.83 -8.09
C PHE D 135 -12.18 21.69 -7.02
N LEU D 136 -12.21 21.20 -5.79
CA LEU D 136 -11.52 21.84 -4.68
C LEU D 136 -10.61 20.77 -4.10
N ASN D 137 -9.37 20.73 -4.56
CA ASN D 137 -8.52 19.56 -4.30
C ASN D 137 -7.40 19.69 -3.27
N ASN D 138 -7.17 18.60 -2.55
CA ASN D 138 -5.99 18.41 -1.70
C ASN D 138 -5.88 19.45 -0.59
N PHE D 139 -7.00 19.68 0.09
CA PHE D 139 -7.04 20.59 1.23
C PHE D 139 -7.05 19.85 2.57
N TYR D 140 -6.72 20.56 3.62
CA TYR D 140 -6.75 20.07 4.99
C TYR D 140 -6.84 21.28 5.91
N PRO D 141 -7.73 21.26 6.92
CA PRO D 141 -8.64 20.20 7.35
C PRO D 141 -9.85 19.92 6.45
N LYS D 142 -10.69 18.96 6.84
CA LYS D 142 -11.73 18.42 5.95
C LYS D 142 -12.93 19.30 5.70
N ASP D 143 -13.17 20.29 6.55
CA ASP D 143 -14.33 21.16 6.35
C ASP D 143 -14.04 22.23 5.30
N ILE D 144 -15.04 22.48 4.48
CA ILE D 144 -14.89 23.39 3.36
C ILE D 144 -16.28 23.80 2.92
N ASN D 145 -16.38 25.03 2.42
CA ASN D 145 -17.62 25.50 1.82
C ASN D 145 -17.43 26.10 0.43
N VAL D 146 -18.30 25.68 -0.48
CA VAL D 146 -18.32 26.18 -1.84
C VAL D 146 -19.59 26.99 -2.08
N LYS D 147 -19.43 28.10 -2.81
CA LYS D 147 -20.55 28.95 -3.22
C LYS D 147 -20.47 29.13 -4.72
N TRP D 148 -21.61 28.99 -5.40
CA TRP D 148 -21.71 29.30 -6.82
C TRP D 148 -22.30 30.69 -7.05
N LYS D 149 -21.87 31.34 -8.13
CA LYS D 149 -22.41 32.65 -8.52
C LYS D 149 -22.65 32.70 -10.02
N ILE D 150 -23.81 33.18 -10.44
CA ILE D 150 -24.07 33.39 -11.86
C ILE D 150 -24.40 34.86 -12.12
N ASP D 151 -23.53 35.50 -12.91
CA ASP D 151 -23.54 36.94 -13.12
C ASP D 151 -23.55 37.71 -11.79
N GLY D 152 -22.82 37.15 -10.82
CA GLY D 152 -22.65 37.74 -9.50
C GLY D 152 -23.75 37.44 -8.50
N SER D 153 -24.72 36.59 -8.88
CA SER D 153 -25.76 36.20 -7.95
C SER D 153 -25.53 34.76 -7.49
N GLU D 154 -25.53 34.59 -6.17
CA GLU D 154 -25.45 33.27 -5.54
C GLU D 154 -26.50 32.34 -6.13
N ARG D 155 -26.06 31.17 -6.55
CA ARG D 155 -26.92 30.16 -7.10
C ARG D 155 -26.83 28.91 -6.22
N GLN D 156 -27.95 28.48 -5.66
CA GLN D 156 -27.93 27.22 -4.89
C GLN D 156 -28.68 26.05 -5.52
N ASN D 157 -29.72 26.33 -6.30
CA ASN D 157 -30.46 25.31 -7.06
C ASN D 157 -29.59 24.63 -8.11
N GLY D 158 -29.68 23.30 -8.19
CA GLY D 158 -28.98 22.52 -9.20
C GLY D 158 -27.52 22.22 -8.89
N VAL D 159 -27.12 22.47 -7.65
CA VAL D 159 -25.76 22.19 -7.17
C VAL D 159 -25.73 20.87 -6.41
N LEU D 160 -24.83 19.97 -6.81
CA LEU D 160 -24.60 18.70 -6.08
C LEU D 160 -23.11 18.51 -5.80
N ASN D 161 -22.82 17.99 -4.62
CA ASN D 161 -21.46 17.94 -4.11
C ASN D 161 -21.03 16.55 -3.72
N SER D 162 -19.73 16.31 -3.80
CA SER D 162 -19.22 15.00 -3.43
C SER D 162 -17.85 15.17 -2.79
N TRP D 163 -17.56 14.39 -1.76
CA TRP D 163 -16.30 14.53 -1.03
C TRP D 163 -15.59 13.19 -0.99
N THR D 164 -14.30 13.16 -1.25
CA THR D 164 -13.55 11.91 -1.18
C THR D 164 -13.21 11.59 0.28
N ASP D 165 -12.77 10.36 0.51
CA ASP D 165 -12.22 9.95 1.80
C ASP D 165 -10.81 10.55 1.92
N GLN D 166 -10.27 10.60 3.11
CA GLN D 166 -8.90 11.10 3.28
C GLN D 166 -7.92 10.38 2.34
N ASP D 167 -7.04 11.14 1.70
CA ASP D 167 -6.12 10.53 0.75
C ASP D 167 -5.07 9.66 1.44
N SER D 168 -4.79 8.48 0.85
CA SER D 168 -3.84 7.51 1.43
C SER D 168 -2.40 7.97 1.36
N LYS D 169 -2.08 8.84 0.40
CA LYS D 169 -0.71 9.33 0.20
C LYS D 169 -0.40 10.60 0.99
N ASP D 170 -1.21 11.64 0.81
CA ASP D 170 -0.89 12.93 1.43
C ASP D 170 -1.79 13.34 2.59
N SER D 171 -2.81 12.52 2.87
CA SER D 171 -3.72 12.74 4.01
C SER D 171 -4.60 13.98 3.90
N THR D 172 -4.78 14.48 2.68
CA THR D 172 -5.68 15.60 2.39
C THR D 172 -7.07 15.12 1.99
N TYR D 173 -7.98 16.07 1.79
CA TYR D 173 -9.35 15.83 1.34
C TYR D 173 -9.62 16.62 0.06
N SER D 174 -10.57 16.14 -0.76
CA SER D 174 -11.02 16.84 -1.96
C SER D 174 -12.54 16.87 -2.08
N MET D 175 -13.06 17.89 -2.74
CA MET D 175 -14.48 17.99 -3.08
C MET D 175 -14.66 18.31 -4.56
N SER D 176 -15.76 17.82 -5.14
CA SER D 176 -16.19 18.36 -6.42
C SER D 176 -17.60 18.91 -6.26
N SER D 177 -17.84 20.03 -6.92
CA SER D 177 -19.14 20.66 -6.94
C SER D 177 -19.62 20.80 -8.37
N THR D 178 -20.85 20.36 -8.62
CA THR D 178 -21.41 20.38 -9.97
C THR D 178 -22.73 21.15 -10.04
N LEU D 179 -22.70 22.24 -10.80
CA LEU D 179 -23.87 23.03 -11.09
C LEU D 179 -24.46 22.58 -12.42
N THR D 180 -25.66 21.99 -12.37
CA THR D 180 -26.30 21.51 -13.60
C THR D 180 -27.46 22.39 -14.03
N LEU D 181 -27.42 22.78 -15.30
CA LEU D 181 -28.43 23.64 -15.93
C LEU D 181 -28.86 23.06 -17.27
N THR D 182 -29.92 23.62 -17.85
CA THR D 182 -30.24 23.36 -19.24
C THR D 182 -29.28 24.18 -20.10
N LYS D 183 -29.09 23.76 -21.35
CA LYS D 183 -28.32 24.56 -22.29
C LYS D 183 -28.91 25.98 -22.42
N ASP D 184 -30.23 26.10 -22.57
CA ASP D 184 -30.86 27.42 -22.70
C ASP D 184 -30.52 28.32 -21.51
N GLU D 185 -30.63 27.79 -20.30
CA GLU D 185 -30.35 28.60 -19.11
C GLU D 185 -28.87 29.01 -19.01
N TYR D 186 -27.98 28.06 -19.31
CA TYR D 186 -26.55 28.31 -19.30
C TYR D 186 -26.19 29.48 -20.25
N GLU D 187 -26.86 29.52 -21.39
CA GLU D 187 -26.61 30.52 -22.42
C GLU D 187 -27.29 31.86 -22.18
N ARG D 188 -28.06 31.96 -21.10
CA ARG D 188 -28.66 33.22 -20.67
C ARG D 188 -27.69 34.03 -19.82
N HIS D 189 -26.55 33.45 -19.47
CA HIS D 189 -25.63 34.13 -18.57
C HIS D 189 -24.19 34.16 -19.05
N ASN D 190 -23.41 35.05 -18.45
CA ASN D 190 -22.04 35.31 -18.90
C ASN D 190 -20.96 34.77 -17.97
N SER D 191 -20.94 35.23 -16.72
CA SER D 191 -19.86 34.82 -15.81
C SER D 191 -20.30 33.75 -14.82
N TYR D 192 -19.46 32.74 -14.66
CA TYR D 192 -19.69 31.62 -13.76
C TYR D 192 -18.54 31.57 -12.74
N THR D 193 -18.88 31.58 -11.46
CA THR D 193 -17.90 31.67 -10.37
C THR D 193 -18.03 30.51 -9.37
N CYS D 194 -16.89 29.96 -8.98
CA CYS D 194 -16.81 28.95 -7.93
C CYS D 194 -16.02 29.58 -6.78
N GLU D 195 -16.61 29.60 -5.58
CA GLU D 195 -15.90 30.14 -4.41
C GLU D 195 -15.70 29.12 -3.28
N ALA D 196 -14.43 28.86 -2.98
CA ALA D 196 -14.04 27.98 -1.90
C ALA D 196 -13.68 28.75 -0.62
N THR D 197 -14.44 28.54 0.45
CA THR D 197 -14.06 29.10 1.75
C THR D 197 -13.49 28.01 2.65
N HIS D 198 -12.30 28.25 3.19
CA HIS D 198 -11.54 27.23 3.93
C HIS D 198 -10.75 27.88 5.08
N LYS D 199 -10.50 27.14 6.15
CA LYS D 199 -9.81 27.67 7.34
C LYS D 199 -8.51 28.41 7.02
N THR D 200 -7.77 27.90 6.04
CA THR D 200 -6.44 28.39 5.71
C THR D 200 -6.39 29.85 5.26
N SER D 201 -7.55 30.41 4.91
CA SER D 201 -7.63 31.83 4.52
C SER D 201 -8.91 32.55 4.93
N THR D 202 -8.71 33.84 5.23
CA THR D 202 -9.78 34.81 5.50
C THR D 202 -10.56 35.10 4.23
N SER D 203 -9.86 35.08 3.10
CA SER D 203 -10.44 35.35 1.79
C SER D 203 -10.80 34.06 1.05
N PRO D 204 -12.00 33.98 0.46
CA PRO D 204 -12.32 32.87 -0.45
C PRO D 204 -11.37 32.78 -1.65
N ILE D 205 -11.14 31.56 -2.13
CA ILE D 205 -10.45 31.33 -3.39
C ILE D 205 -11.55 31.30 -4.42
N VAL D 206 -11.40 32.19 -5.40
CA VAL D 206 -12.42 32.50 -6.39
C VAL D 206 -11.95 32.03 -7.76
N LYS D 207 -12.70 31.10 -8.36
CA LYS D 207 -12.45 30.76 -9.76
C LYS D 207 -13.66 31.08 -10.60
N SER D 208 -13.45 31.79 -11.72
CA SER D 208 -14.54 32.03 -12.68
C SER D 208 -14.15 31.90 -14.14
N PHE D 209 -15.17 31.81 -14.99
CA PHE D 209 -14.97 32.02 -16.42
C PHE D 209 -16.14 32.82 -16.97
N ASN D 210 -15.93 33.36 -18.16
CA ASN D 210 -16.99 34.00 -18.93
C ASN D 210 -17.34 33.09 -20.08
N ARG D 211 -18.63 32.96 -20.36
CA ARG D 211 -19.12 31.95 -21.28
C ARG D 211 -18.49 31.96 -22.68
N ASN D 212 -18.25 33.15 -23.25
CA ASN D 212 -17.74 33.22 -24.63
C ASN D 212 -16.21 33.39 -24.79
N GLU D 213 -15.46 33.14 -23.72
CA GLU D 213 -14.03 33.42 -23.69
C GLU D 213 -13.18 32.15 -23.84
N CYS D 214 -11.93 32.32 -24.26
CA CYS D 214 -10.98 31.21 -24.31
C CYS D 214 -9.57 31.67 -23.99
#